data_8ZWW
#
_entry.id   8ZWW
#
_cell.length_a   47.709
_cell.length_b   86.133
_cell.length_c   87.614
_cell.angle_alpha   90.000
_cell.angle_beta   95.680
_cell.angle_gamma   90.000
#
_symmetry.space_group_name_H-M   'P 1 21 1'
#
loop_
_entity.id
_entity.type
_entity.pdbx_description
1 polymer 'Beta-1,3-galactosyltransferase 5'
2 branched beta-D-galactopyranose-(1-3)-2-acetamido-2-deoxy-beta-D-galactopyranose-(1-3)-alpha-D-galactopyranose-(1-4)-beta-D-galactopyranose-(1-4)-beta-D-glucopyranose
3 branched 2-acetamido-2-deoxy-beta-D-glucopyranose-(1-4)-2-acetamido-2-deoxy-beta-D-glucopyranose
4 branched 2-acetamido-2-deoxy-beta-D-glucopyranose-(1-4)-[alpha-L-fucopyranose-(1-6)]2-acetamido-2-deoxy-beta-D-glucopyranose
5 branched alpha-D-mannopyranose-(1-3)-[alpha-D-mannopyranose-(1-6)]beta-D-mannopyranose-(1-4)-2-acetamido-2-deoxy-beta-D-glucopyranose-(1-4)-[alpha-L-fucopyranose-(1-6)]2-acetamido-2-deoxy-beta-D-glucopyranose
6 non-polymer 'MANGANESE (II) ION'
7 non-polymer "URIDINE-5'-DIPHOSPHATE"
8 non-polymer 2-[3-(2-HYDROXY-1,1-DIHYDROXYMETHYL-ETHYLAMINO)-PROPYLAMINO]-2-HYDROXYMETHYL-PROPANE-1,3-DIOL
9 non-polymer 2-acetamido-2-deoxy-beta-D-glucopyranose
10 water water
#
_entity_poly.entity_id   1
_entity_poly.type   'polypeptide(L)'
_entity_poly.pdbx_seq_one_letter_code
;FKEQSFVYKKDGNFLKLPDTDCRQTPPFLVLLVTSSHKQLAERMAIRQTWGKERMVKGKQLKTFFLLGTTSSAAETKEVD
QESQRHGDIIQKDFLDVYYNLTLKTMMGIEWVHRFCPQAAFVMKTDSDMFINVDYLTELLLKKNRTTRFFTGFLKLNEFP
IRQPFSKWFVSKSEYPWDRYPPFCSGTGYVFSGDVASQVYNVSKSVPYIKLEDVFVGLCLERLNIRLEELHSQPTFFPGG
LRFSVCLFRRIVACHFIKPRTLLDYWQALENSRGEDCP
;
_entity_poly.pdbx_strand_id   A,B
#
loop_
_chem_comp.id
_chem_comp.type
_chem_comp.name
_chem_comp.formula
B3P non-polymer 2-[3-(2-HYDROXY-1,1-DIHYDROXYMETHYL-ETHYLAMINO)-PROPYLAMINO]-2-HYDROXYMETHYL-PROPANE-1,3-DIOL 'C11 H26 N2 O6'
BGC D-saccharide, beta linking beta-D-glucopyranose 'C6 H12 O6'
BMA D-saccharide, beta linking beta-D-mannopyranose 'C6 H12 O6'
FUC L-saccharide, alpha linking alpha-L-fucopyranose 'C6 H12 O5'
GAL D-saccharide, beta linking beta-D-galactopyranose 'C6 H12 O6'
GLA D-saccharide, alpha linking alpha-D-galactopyranose 'C6 H12 O6'
MAN D-saccharide, alpha linking alpha-D-mannopyranose 'C6 H12 O6'
MN non-polymer 'MANGANESE (II) ION' 'Mn 2'
NAG D-saccharide, beta linking 2-acetamido-2-deoxy-beta-D-glucopyranose 'C8 H15 N O6'
NGA D-saccharide, beta linking 2-acetamido-2-deoxy-beta-D-galactopyranose 'C8 H15 N O6'
UDP RNA linking URIDINE-5'-DIPHOSPHATE 'C9 H14 N2 O12 P2'
#
# COMPACT_ATOMS: atom_id res chain seq x y z
N GLY A 12 15.19 -1.01 -3.73
CA GLY A 12 15.79 -2.09 -2.99
C GLY A 12 15.10 -3.44 -3.13
N ASN A 13 14.01 -3.47 -3.91
CA ASN A 13 13.27 -4.70 -4.22
C ASN A 13 12.14 -4.97 -3.22
N PHE A 14 11.55 -3.93 -2.63
CA PHE A 14 10.56 -4.11 -1.59
C PHE A 14 9.17 -4.22 -2.18
N LEU A 15 8.37 -5.14 -1.63
CA LEU A 15 6.98 -5.28 -2.05
C LEU A 15 6.06 -4.36 -1.29
N LYS A 16 6.35 -4.12 -0.01
CA LYS A 16 5.58 -3.22 0.82
C LYS A 16 6.51 -2.28 1.55
N LEU A 17 6.15 -0.99 1.59
CA LEU A 17 6.92 0.03 2.28
C LEU A 17 6.00 0.80 3.20
N PRO A 18 6.39 1.05 4.45
CA PRO A 18 5.52 1.83 5.35
C PRO A 18 5.34 3.26 4.87
N ASP A 19 4.13 3.79 5.07
CA ASP A 19 3.79 5.17 4.76
C ASP A 19 4.40 6.07 5.82
N THR A 20 5.69 6.33 5.66
CA THR A 20 6.38 7.15 6.64
C THR A 20 7.49 7.89 5.93
N ASP A 21 7.88 9.04 6.49
CA ASP A 21 8.92 9.90 5.94
C ASP A 21 9.88 10.26 7.08
N CYS A 22 10.94 9.46 7.23
CA CYS A 22 11.92 9.73 8.28
C CYS A 22 12.71 10.99 8.03
N ARG A 23 12.78 11.47 6.79
CA ARG A 23 13.49 12.71 6.52
C ARG A 23 12.78 13.88 7.18
N GLN A 24 11.45 13.93 7.03
CA GLN A 24 10.67 15.04 7.58
C GLN A 24 10.73 15.03 9.10
N THR A 25 10.36 13.90 9.72
CA THR A 25 10.32 13.76 11.17
C THR A 25 11.18 12.56 11.57
N PRO A 26 12.47 12.77 11.85
CA PRO A 26 13.35 11.66 12.24
C PRO A 26 12.85 11.00 13.51
N PRO A 27 12.55 9.70 13.47
CA PRO A 27 12.11 9.03 14.70
C PRO A 27 13.28 8.88 15.66
N PHE A 28 12.96 8.85 16.95
CA PHE A 28 13.98 8.56 17.93
C PHE A 28 14.21 7.06 18.04
N LEU A 29 13.13 6.27 18.06
CA LEU A 29 13.26 4.82 18.15
C LEU A 29 12.37 4.17 17.11
N VAL A 30 12.95 3.27 16.31
CA VAL A 30 12.20 2.46 15.34
C VAL A 30 12.24 1.02 15.83
N LEU A 31 11.07 0.40 15.98
CA LEU A 31 10.96 -1.02 16.33
C LEU A 31 10.69 -1.80 15.05
N LEU A 32 11.49 -2.84 14.82
CA LEU A 32 11.29 -3.78 13.71
C LEU A 32 10.93 -5.11 14.35
N VAL A 33 9.70 -5.56 14.13
CA VAL A 33 9.14 -6.71 14.81
C VAL A 33 9.05 -7.87 13.81
N THR A 34 9.63 -9.00 14.18
CA THR A 34 9.51 -10.19 13.34
C THR A 34 8.31 -11.01 13.78
N SER A 35 7.59 -11.56 12.80
CA SER A 35 6.50 -12.49 13.04
C SER A 35 6.21 -13.18 11.72
N SER A 36 5.61 -14.38 11.81
CA SER A 36 5.25 -15.10 10.60
C SER A 36 3.88 -14.61 10.09
N HIS A 37 3.51 -15.05 8.88
CA HIS A 37 2.28 -14.56 8.27
C HIS A 37 1.05 -14.85 9.13
N LYS A 38 0.99 -16.04 9.74
CA LYS A 38 -0.21 -16.43 10.46
C LYS A 38 -0.36 -15.73 11.80
N GLN A 39 0.69 -15.07 12.30
CA GLN A 39 0.68 -14.51 13.65
C GLN A 39 0.05 -13.12 13.67
N LEU A 40 -1.12 -12.98 13.07
CA LEU A 40 -1.83 -11.70 13.14
C LEU A 40 -2.16 -11.33 14.58
N ALA A 41 -2.53 -12.30 15.40
CA ALA A 41 -2.87 -11.99 16.80
C ALA A 41 -1.70 -11.35 17.53
N GLU A 42 -0.49 -11.86 17.32
CA GLU A 42 0.69 -11.23 17.89
C GLU A 42 0.80 -9.78 17.44
N ARG A 43 0.69 -9.54 16.13
CA ARG A 43 0.90 -8.18 15.63
C ARG A 43 -0.17 -7.24 16.17
N MET A 44 -1.42 -7.70 16.25
CA MET A 44 -2.47 -6.84 16.82
C MET A 44 -2.21 -6.55 18.31
N ALA A 45 -1.80 -7.57 19.07
CA ALA A 45 -1.51 -7.32 20.48
C ALA A 45 -0.39 -6.28 20.62
N ILE A 46 0.65 -6.40 19.80
CA ILE A 46 1.75 -5.43 19.84
C ILE A 46 1.27 -4.05 19.42
N ARG A 47 0.47 -3.96 18.36
CA ARG A 47 -0.06 -2.68 17.93
C ARG A 47 -0.87 -2.02 19.03
N GLN A 48 -1.56 -2.83 19.84
CA GLN A 48 -2.36 -2.28 20.92
C GLN A 48 -1.58 -2.06 22.21
N THR A 49 -0.32 -2.51 22.29
CA THR A 49 0.42 -2.35 23.53
C THR A 49 1.73 -1.60 23.29
N TRP A 50 2.89 -2.26 23.43
CA TRP A 50 4.15 -1.52 23.37
C TRP A 50 4.49 -1.04 21.97
N GLY A 51 3.80 -1.53 20.95
CA GLY A 51 4.03 -1.06 19.58
C GLY A 51 3.26 0.18 19.17
N LYS A 52 2.32 0.64 19.99
CA LYS A 52 1.53 1.82 19.63
C LYS A 52 2.42 3.03 19.47
N GLU A 53 2.38 3.64 18.29
CA GLU A 53 3.26 4.76 18.03
C GLU A 53 2.83 5.96 18.86
N ARG A 54 3.81 6.71 19.36
CA ARG A 54 3.51 7.81 20.25
C ARG A 54 4.82 8.54 20.53
N MET A 55 4.68 9.66 21.22
CA MET A 55 5.83 10.40 21.73
C MET A 55 6.14 9.88 23.12
N VAL A 56 7.40 9.58 23.36
CA VAL A 56 7.90 9.07 24.62
C VAL A 56 8.91 10.09 25.11
N LYS A 57 8.53 10.86 26.13
CA LYS A 57 9.37 11.95 26.62
C LYS A 57 9.73 12.89 25.47
N GLY A 58 8.75 13.14 24.61
CA GLY A 58 8.95 14.01 23.46
C GLY A 58 9.75 13.41 22.33
N LYS A 59 9.98 12.09 22.32
CA LYS A 59 10.72 11.41 21.27
C LYS A 59 9.80 10.53 20.46
N GLN A 60 9.98 10.49 19.15
CA GLN A 60 9.06 9.72 18.33
C GLN A 60 9.40 8.23 18.35
N LEU A 61 8.37 7.39 18.55
CA LEU A 61 8.48 5.95 18.43
C LEU A 61 7.72 5.51 17.18
N LYS A 62 8.36 4.74 16.32
CA LYS A 62 7.72 4.17 15.14
C LYS A 62 7.84 2.64 15.23
N THR A 63 6.84 1.94 14.68
CA THR A 63 6.79 0.48 14.79
C THR A 63 6.43 -0.15 13.45
N PHE A 64 7.28 -1.06 12.96
CA PHE A 64 7.04 -1.72 11.69
C PHE A 64 7.23 -3.22 11.85
N PHE A 65 6.47 -3.97 11.06
CA PHE A 65 6.48 -5.42 11.09
C PHE A 65 7.15 -5.96 9.84
N LEU A 66 8.12 -6.86 10.03
CA LEU A 66 8.90 -7.44 8.94
C LEU A 66 8.23 -8.73 8.50
N LEU A 67 7.96 -8.85 7.20
CA LEU A 67 7.37 -10.05 6.67
C LEU A 67 8.05 -10.41 5.36
N GLY A 68 8.15 -11.70 5.10
CA GLY A 68 8.47 -12.20 3.79
C GLY A 68 7.20 -12.55 3.02
N THR A 69 7.33 -13.55 2.16
CA THR A 69 6.20 -14.07 1.39
C THR A 69 5.96 -15.52 1.79
N THR A 70 4.81 -16.03 1.36
CA THR A 70 4.40 -17.40 1.65
C THR A 70 3.80 -18.00 0.40
N SER A 71 3.72 -19.33 0.37
CA SER A 71 3.08 -19.98 -0.75
C SER A 71 1.57 -19.95 -0.63
N SER A 72 1.05 -19.82 0.59
CA SER A 72 -0.39 -19.81 0.84
C SER A 72 -1.03 -18.56 0.25
N ALA A 73 -1.95 -18.75 -0.70
CA ALA A 73 -2.70 -17.62 -1.27
C ALA A 73 -3.54 -16.91 -0.20
N ALA A 74 -4.15 -17.68 0.69
CA ALA A 74 -4.97 -17.09 1.74
C ALA A 74 -4.16 -16.14 2.62
N GLU A 75 -2.99 -16.60 3.09
CA GLU A 75 -2.14 -15.76 3.92
C GLU A 75 -1.67 -14.54 3.15
N THR A 76 -1.33 -14.72 1.86
CA THR A 76 -0.90 -13.58 1.06
C THR A 76 -1.99 -12.51 1.01
N LYS A 77 -3.24 -12.93 0.78
CA LYS A 77 -4.34 -11.97 0.76
C LYS A 77 -4.52 -11.30 2.11
N GLU A 78 -4.54 -12.10 3.18
CA GLU A 78 -4.66 -11.55 4.53
C GLU A 78 -3.63 -10.46 4.76
N VAL A 79 -2.37 -10.72 4.41
CA VAL A 79 -1.32 -9.76 4.67
C VAL A 79 -1.44 -8.54 3.77
N ASP A 80 -1.83 -8.73 2.51
CA ASP A 80 -2.11 -7.57 1.66
C ASP A 80 -3.16 -6.67 2.30
N GLN A 81 -4.23 -7.28 2.79
CA GLN A 81 -5.30 -6.51 3.44
C GLN A 81 -4.78 -5.83 4.71
N GLU A 82 -3.97 -6.54 5.50
CA GLU A 82 -3.39 -5.99 6.72
C GLU A 82 -2.51 -4.79 6.43
N SER A 83 -1.63 -4.92 5.43
CA SER A 83 -0.78 -3.80 5.02
C SER A 83 -1.61 -2.59 4.61
N GLN A 84 -2.62 -2.82 3.77
CA GLN A 84 -3.48 -1.72 3.35
C GLN A 84 -4.14 -1.07 4.56
N ARG A 85 -4.65 -1.87 5.49
CA ARG A 85 -5.35 -1.35 6.66
C ARG A 85 -4.43 -0.60 7.62
N HIS A 86 -3.19 -1.06 7.79
CA HIS A 86 -2.28 -0.50 8.80
C HIS A 86 -1.07 0.21 8.23
N GLY A 87 -0.65 -0.10 7.01
CA GLY A 87 0.47 0.59 6.39
C GLY A 87 1.78 0.56 7.16
N ASP A 88 2.02 -0.48 7.96
CA ASP A 88 3.22 -0.54 8.79
C ASP A 88 4.02 -1.80 8.55
N ILE A 89 3.87 -2.42 7.38
CA ILE A 89 4.56 -3.66 7.06
C ILE A 89 5.68 -3.38 6.08
N ILE A 90 6.85 -3.98 6.35
CA ILE A 90 8.00 -3.98 5.46
C ILE A 90 8.09 -5.39 4.89
N GLN A 91 8.07 -5.50 3.55
CA GLN A 91 8.02 -6.83 2.94
C GLN A 91 8.95 -6.91 1.75
N LYS A 92 9.59 -8.06 1.59
CA LYS A 92 10.37 -8.41 0.41
C LYS A 92 10.01 -9.84 0.05
N ASP A 93 10.39 -10.23 -1.18
CA ASP A 93 10.01 -11.53 -1.73
C ASP A 93 11.05 -12.58 -1.35
N PHE A 94 10.90 -13.11 -0.15
CA PHE A 94 11.66 -14.28 0.29
C PHE A 94 10.73 -15.17 1.09
N LEU A 95 10.94 -16.48 0.98
CA LEU A 95 10.10 -17.43 1.69
C LEU A 95 10.25 -17.23 3.19
N ASP A 96 9.18 -16.81 3.87
CA ASP A 96 9.18 -16.45 5.28
C ASP A 96 9.08 -17.72 6.11
N VAL A 97 10.23 -18.31 6.44
CA VAL A 97 10.34 -19.50 7.29
C VAL A 97 11.44 -19.25 8.32
N TYR A 98 11.45 -20.08 9.36
CA TYR A 98 12.40 -19.88 10.47
C TYR A 98 13.83 -19.78 9.96
N TYR A 99 14.23 -20.69 9.07
CA TYR A 99 15.61 -20.68 8.60
C TYR A 99 15.86 -19.64 7.50
N ASN A 100 14.95 -18.69 7.33
CA ASN A 100 15.24 -17.50 6.55
C ASN A 100 15.23 -16.24 7.41
N LEU A 101 15.21 -16.38 8.74
CA LEU A 101 15.19 -15.20 9.61
C LEU A 101 16.35 -14.25 9.31
N THR A 102 17.52 -14.76 8.94
CA THR A 102 18.62 -13.87 8.56
C THR A 102 18.20 -12.92 7.44
N LEU A 103 17.62 -13.43 6.35
CA LEU A 103 17.08 -12.55 5.31
C LEU A 103 16.12 -11.53 5.92
N LYS A 104 15.21 -11.99 6.80
CA LYS A 104 14.24 -11.06 7.36
C LYS A 104 14.96 -9.94 8.10
N THR A 105 15.93 -10.30 8.95
CA THR A 105 16.63 -9.27 9.69
C THR A 105 17.34 -8.33 8.72
N MET A 106 17.97 -8.89 7.69
CA MET A 106 18.71 -8.01 6.79
C MET A 106 17.74 -7.11 6.04
N MET A 107 16.54 -7.61 5.70
CA MET A 107 15.53 -6.73 5.13
C MET A 107 15.29 -5.51 6.03
N GLY A 108 15.01 -5.77 7.31
CA GLY A 108 14.81 -4.66 8.23
C GLY A 108 15.98 -3.70 8.20
N ILE A 109 17.19 -4.24 8.30
CA ILE A 109 18.36 -3.37 8.33
C ILE A 109 18.47 -2.63 7.00
N GLU A 110 18.24 -3.33 5.88
CA GLU A 110 18.27 -2.64 4.60
C GLU A 110 17.28 -1.48 4.61
N TRP A 111 16.09 -1.72 5.18
CA TRP A 111 15.08 -0.65 5.19
C TRP A 111 15.60 0.56 5.95
N VAL A 112 16.16 0.35 7.14
CA VAL A 112 16.66 1.49 7.90
C VAL A 112 17.68 2.24 7.05
N HIS A 113 18.51 1.49 6.32
CA HIS A 113 19.58 2.10 5.56
C HIS A 113 19.02 2.93 4.42
N ARG A 114 17.99 2.42 3.73
CA ARG A 114 17.55 3.09 2.52
C ARG A 114 16.53 4.19 2.80
N PHE A 115 15.62 3.96 3.75
CA PHE A 115 14.48 4.85 3.93
C PHE A 115 14.42 5.52 5.29
N CYS A 116 15.34 5.23 6.21
CA CYS A 116 15.24 5.83 7.52
C CYS A 116 16.59 5.93 8.22
N PRO A 117 17.64 6.38 7.53
CA PRO A 117 18.95 6.50 8.19
C PRO A 117 18.97 7.56 9.28
N GLN A 118 17.90 8.36 9.39
CA GLN A 118 17.81 9.38 10.44
C GLN A 118 17.38 8.81 11.79
N ALA A 119 16.92 7.56 11.85
CA ALA A 119 16.54 6.99 13.14
C ALA A 119 17.72 7.06 14.10
N ALA A 120 17.48 7.61 15.29
CA ALA A 120 18.55 7.62 16.28
C ALA A 120 18.85 6.22 16.76
N PHE A 121 17.81 5.42 17.00
CA PHE A 121 17.99 4.05 17.48
C PHE A 121 16.98 3.13 16.82
N VAL A 122 17.36 1.86 16.68
CA VAL A 122 16.53 0.82 16.08
C VAL A 122 16.59 -0.39 17.00
N MET A 123 15.43 -0.98 17.29
CA MET A 123 15.35 -2.21 18.04
C MET A 123 14.80 -3.29 17.13
N LYS A 124 15.55 -4.35 16.92
CA LYS A 124 15.00 -5.55 16.29
C LYS A 124 14.46 -6.45 17.40
N THR A 125 13.21 -6.87 17.29
CA THR A 125 12.59 -7.67 18.34
C THR A 125 11.70 -8.75 17.74
N ASP A 126 11.41 -9.72 18.57
CA ASP A 126 10.49 -10.80 18.26
C ASP A 126 9.10 -10.45 18.73
N SER A 127 8.14 -11.28 18.34
CA SER A 127 6.74 -11.00 18.62
C SER A 127 6.25 -11.62 19.92
N ASP A 128 7.01 -12.55 20.51
CA ASP A 128 6.65 -13.15 21.80
C ASP A 128 7.32 -12.40 22.94
N MET A 129 7.19 -11.08 22.92
CA MET A 129 7.99 -10.19 23.74
C MET A 129 7.12 -9.15 24.45
N PHE A 130 7.57 -8.76 25.64
CA PHE A 130 7.16 -7.51 26.25
C PHE A 130 8.32 -6.54 26.14
N ILE A 131 8.05 -5.34 25.63
CA ILE A 131 9.06 -4.29 25.50
CA ILE A 131 9.06 -4.29 25.50
C ILE A 131 8.59 -3.08 26.29
N ASN A 132 9.46 -2.57 27.17
CA ASN A 132 9.18 -1.35 27.92
C ASN A 132 9.91 -0.22 27.20
N VAL A 133 9.20 0.44 26.28
CA VAL A 133 9.81 1.50 25.49
C VAL A 133 10.14 2.71 26.34
N ASP A 134 9.33 3.02 27.36
CA ASP A 134 9.60 4.20 28.17
C ASP A 134 10.93 4.09 28.89
N TYR A 135 11.16 2.95 29.55
CA TYR A 135 12.40 2.75 30.29
C TYR A 135 13.58 2.62 29.34
N LEU A 136 13.38 1.98 28.16
CA LEU A 136 14.45 1.89 27.17
C LEU A 136 14.87 3.27 26.67
N THR A 137 13.90 4.12 26.35
CA THR A 137 14.19 5.49 25.94
C THR A 137 14.95 6.26 27.03
N GLU A 138 14.51 6.12 28.28
CA GLU A 138 15.22 6.73 29.40
C GLU A 138 16.68 6.28 29.43
N LEU A 139 16.91 4.97 29.34
CA LEU A 139 18.29 4.47 29.42
C LEU A 139 19.13 4.87 28.22
N LEU A 140 18.50 4.94 27.03
CA LEU A 140 19.22 5.37 25.83
C LEU A 140 19.61 6.85 25.91
N LEU A 141 18.68 7.70 26.37
CA LEU A 141 19.00 9.11 26.55
C LEU A 141 20.08 9.30 27.60
N LYS A 142 20.12 8.42 28.60
CA LYS A 142 21.15 8.47 29.62
C LYS A 142 22.49 7.94 29.14
N LYS A 143 22.51 7.11 28.09
CA LYS A 143 23.75 6.45 27.65
C LYS A 143 24.75 7.39 26.95
N ASN A 144 24.29 8.50 26.38
CA ASN A 144 25.15 9.48 25.67
C ASN A 144 25.89 8.85 24.50
N ARG A 145 25.30 7.83 23.86
CA ARG A 145 25.87 7.17 22.69
C ARG A 145 24.96 7.32 21.48
N THR A 146 25.49 7.84 20.37
CA THR A 146 24.68 8.01 19.17
C THR A 146 25.27 7.31 17.95
N THR A 147 26.46 6.69 18.06
CA THR A 147 27.09 6.05 16.91
C THR A 147 27.77 4.76 17.32
N ARG A 148 27.83 3.81 16.39
CA ARG A 148 28.49 2.53 16.60
C ARG A 148 28.09 1.91 17.94
N PHE A 149 26.81 1.97 18.26
CA PHE A 149 26.28 1.51 19.54
C PHE A 149 25.42 0.28 19.32
N PHE A 150 25.63 -0.76 20.12
CA PHE A 150 24.89 -2.00 19.97
C PHE A 150 24.77 -2.69 21.33
N THR A 151 23.54 -2.99 21.75
CA THR A 151 23.31 -3.52 23.08
C THR A 151 22.15 -4.49 23.05
N GLY A 152 21.98 -5.20 24.16
CA GLY A 152 20.93 -6.20 24.34
C GLY A 152 21.32 -7.15 25.46
N PHE A 153 20.91 -8.39 25.34
CA PHE A 153 21.44 -9.45 26.19
C PHE A 153 22.67 -10.01 25.49
N LEU A 154 23.85 -9.76 26.07
CA LEU A 154 25.11 -10.13 25.45
C LEU A 154 25.38 -11.61 25.64
N LYS A 155 25.68 -12.31 24.55
CA LYS A 155 26.00 -13.74 24.57
C LYS A 155 27.46 -13.82 24.09
N LEU A 156 28.41 -14.00 25.00
CA LEU A 156 29.79 -13.70 24.66
C LEU A 156 30.68 -14.92 24.43
N ASN A 157 30.41 -16.06 25.06
CA ASN A 157 31.22 -17.25 24.78
C ASN A 157 30.30 -18.42 24.40
N GLU A 158 29.59 -18.24 23.30
CA GLU A 158 28.58 -19.20 22.89
C GLU A 158 29.19 -20.28 22.01
N PHE A 159 28.70 -21.47 22.16
CA PHE A 159 29.16 -22.51 21.29
C PHE A 159 28.02 -22.90 20.37
N PRO A 160 28.30 -23.14 19.09
CA PRO A 160 27.26 -23.62 18.19
C PRO A 160 26.67 -24.92 18.72
N ILE A 161 25.36 -25.06 18.53
CA ILE A 161 24.64 -26.25 18.99
C ILE A 161 24.79 -27.34 17.94
N ARG A 162 25.36 -28.47 18.34
CA ARG A 162 25.60 -29.57 17.43
C ARG A 162 24.61 -30.74 17.60
N GLN A 163 23.58 -30.59 18.43
CA GLN A 163 22.54 -31.63 18.53
C GLN A 163 21.71 -31.61 17.26
N PRO A 164 21.77 -32.63 16.41
CA PRO A 164 21.27 -32.48 15.03
C PRO A 164 19.78 -32.19 14.90
N PHE A 165 18.98 -32.48 15.91
CA PHE A 165 17.56 -32.22 15.84
C PHE A 165 17.14 -30.97 16.63
N SER A 166 18.09 -30.24 17.19
CA SER A 166 17.81 -29.01 17.91
C SER A 166 17.28 -27.93 16.97
N LYS A 167 16.42 -27.08 17.52
CA LYS A 167 15.91 -25.94 16.75
C LYS A 167 17.04 -25.05 16.22
N TRP A 168 18.14 -24.92 16.95
CA TRP A 168 19.21 -24.05 16.53
C TRP A 168 20.49 -24.81 16.16
N PHE A 169 20.33 -26.06 15.73
CA PHE A 169 21.45 -26.87 15.25
C PHE A 169 22.07 -26.24 14.02
N VAL A 170 23.40 -26.20 13.99
CA VAL A 170 24.13 -25.85 12.77
C VAL A 170 25.21 -26.91 12.57
N SER A 171 25.28 -27.45 11.36
CA SER A 171 26.34 -28.40 11.05
C SER A 171 27.69 -27.70 11.01
N LYS A 172 28.73 -28.51 10.91
CA LYS A 172 30.08 -27.96 10.79
C LYS A 172 30.27 -27.29 9.43
N SER A 173 29.57 -27.74 8.40
CA SER A 173 29.64 -27.06 7.11
CA SER A 173 29.64 -27.06 7.11
C SER A 173 28.86 -25.75 7.13
N GLU A 174 27.82 -25.65 7.95
CA GLU A 174 27.08 -24.40 8.07
C GLU A 174 27.87 -23.39 8.89
N TYR A 175 28.51 -23.85 9.97
CA TYR A 175 29.37 -23.00 10.79
C TYR A 175 30.52 -23.84 11.31
N PRO A 176 31.72 -23.70 10.76
CA PRO A 176 32.78 -24.69 11.02
C PRO A 176 33.71 -24.40 12.20
N TRP A 177 33.48 -23.37 13.00
CA TRP A 177 34.41 -23.04 14.07
C TRP A 177 33.79 -23.38 15.44
N ASP A 178 34.65 -23.37 16.47
CA ASP A 178 34.26 -23.88 17.79
C ASP A 178 33.35 -22.92 18.55
N ARG A 179 33.49 -21.61 18.34
CA ARG A 179 32.74 -20.61 19.08
C ARG A 179 32.12 -19.60 18.12
N TYR A 180 31.00 -19.03 18.55
CA TYR A 180 30.35 -17.93 17.86
C TYR A 180 31.05 -16.63 18.21
N PRO A 181 30.98 -15.62 17.34
CA PRO A 181 31.43 -14.30 17.74
C PRO A 181 30.60 -13.82 18.89
N PRO A 182 30.97 -12.70 19.51
CA PRO A 182 30.05 -12.03 20.44
C PRO A 182 28.81 -11.62 19.69
N PHE A 183 27.65 -11.81 20.31
CA PHE A 183 26.41 -11.33 19.69
C PHE A 183 25.36 -11.15 20.78
N CYS A 184 24.24 -10.52 20.43
CA CYS A 184 23.15 -10.32 21.38
C CYS A 184 21.96 -11.18 20.98
N SER A 185 21.24 -11.65 22.01
CA SER A 185 20.05 -12.48 21.77
C SER A 185 19.14 -11.82 20.75
N GLY A 186 18.70 -12.60 19.77
CA GLY A 186 17.74 -12.11 18.80
C GLY A 186 16.35 -11.83 19.35
N THR A 187 16.06 -12.21 20.59
CA THR A 187 14.77 -11.87 21.16
C THR A 187 14.51 -10.37 21.15
N GLY A 188 15.58 -9.56 21.26
CA GLY A 188 15.47 -8.11 21.15
C GLY A 188 16.83 -7.45 21.36
N TYR A 189 17.33 -6.73 20.35
CA TYR A 189 18.57 -5.98 20.50
C TYR A 189 18.41 -4.58 19.89
N VAL A 190 19.26 -3.65 20.33
CA VAL A 190 19.10 -2.23 20.02
C VAL A 190 20.43 -1.69 19.51
N PHE A 191 20.37 -0.83 18.49
CA PHE A 191 21.59 -0.24 17.92
C PHE A 191 21.30 1.16 17.42
N SER A 192 22.34 2.01 17.43
CA SER A 192 22.18 3.34 16.83
C SER A 192 21.97 3.19 15.32
N GLY A 193 21.26 4.16 14.74
CA GLY A 193 20.79 4.00 13.37
C GLY A 193 21.91 3.83 12.35
N ASP A 194 23.04 4.53 12.56
CA ASP A 194 24.18 4.41 11.65
C ASP A 194 24.61 2.95 11.47
N VAL A 195 24.51 2.16 12.55
CA VAL A 195 24.96 0.77 12.51
C VAL A 195 24.28 0.02 11.38
N ALA A 196 23.01 0.34 11.11
CA ALA A 196 22.30 -0.35 10.03
C ALA A 196 23.08 -0.23 8.72
N SER A 197 23.44 0.99 8.33
CA SER A 197 24.12 1.15 7.06
C SER A 197 25.40 0.33 7.04
N GLN A 198 26.15 0.40 8.14
CA GLN A 198 27.41 -0.34 8.18
C GLN A 198 27.15 -1.83 8.00
N VAL A 199 26.20 -2.37 8.76
CA VAL A 199 25.97 -3.82 8.67
C VAL A 199 25.54 -4.16 7.26
N TYR A 200 24.62 -3.35 6.68
CA TYR A 200 24.19 -3.67 5.33
C TYR A 200 25.38 -3.67 4.40
N ASN A 201 26.22 -2.63 4.49
CA ASN A 201 27.37 -2.54 3.60
C ASN A 201 28.24 -3.79 3.72
N VAL A 202 28.46 -4.29 4.93
CA VAL A 202 29.44 -5.35 5.06
C VAL A 202 28.83 -6.73 4.88
N SER A 203 27.48 -6.83 4.91
CA SER A 203 26.82 -8.12 5.10
C SER A 203 27.20 -9.14 4.02
N LYS A 204 27.27 -8.70 2.77
CA LYS A 204 27.50 -9.66 1.69
C LYS A 204 28.92 -10.24 1.72
N SER A 205 29.83 -9.69 2.50
CA SER A 205 31.18 -10.24 2.56
C SER A 205 31.43 -11.06 3.81
N VAL A 206 30.43 -11.21 4.66
CA VAL A 206 30.53 -11.95 5.92
C VAL A 206 29.96 -13.33 5.69
N PRO A 207 30.59 -14.39 6.19
CA PRO A 207 30.04 -15.75 5.99
C PRO A 207 28.61 -15.82 6.47
N TYR A 208 27.73 -16.34 5.61
CA TYR A 208 26.32 -16.47 5.95
C TYR A 208 26.12 -17.50 7.05
N ILE A 209 25.15 -17.25 7.94
CA ILE A 209 24.66 -18.25 8.88
C ILE A 209 23.16 -18.00 9.07
N LYS A 210 22.41 -19.09 9.20
CA LYS A 210 20.96 -19.02 9.23
C LYS A 210 20.39 -18.53 10.55
N LEU A 211 21.22 -18.33 11.57
CA LEU A 211 20.79 -17.71 12.81
C LEU A 211 21.05 -16.20 12.74
N GLU A 212 19.99 -15.40 12.80
CA GLU A 212 20.13 -13.98 12.41
C GLU A 212 20.96 -13.22 13.45
N ASP A 213 20.73 -13.47 14.75
CA ASP A 213 21.48 -12.73 15.76
C ASP A 213 22.97 -13.05 15.67
N VAL A 214 23.32 -14.32 15.42
CA VAL A 214 24.71 -14.68 15.21
C VAL A 214 25.25 -13.96 13.98
N PHE A 215 24.50 -13.95 12.87
CA PHE A 215 24.99 -13.30 11.67
C PHE A 215 25.27 -11.82 11.89
N VAL A 216 24.37 -11.13 12.58
CA VAL A 216 24.62 -9.73 12.88
C VAL A 216 25.86 -9.59 13.75
N GLY A 217 26.04 -10.50 14.73
CA GLY A 217 27.29 -10.49 15.50
C GLY A 217 28.53 -10.63 14.63
N LEU A 218 28.48 -11.49 13.61
CA LEU A 218 29.62 -11.61 12.68
C LEU A 218 29.87 -10.29 11.95
N CYS A 219 28.79 -9.62 11.53
CA CYS A 219 28.94 -8.34 10.85
C CYS A 219 29.54 -7.28 11.78
N LEU A 220 29.02 -7.19 13.00
CA LEU A 220 29.54 -6.23 13.96
C LEU A 220 31.02 -6.49 14.23
N GLU A 221 31.40 -7.76 14.38
CA GLU A 221 32.81 -8.12 14.54
C GLU A 221 33.65 -7.64 13.35
N ARG A 222 33.17 -7.84 12.12
CA ARG A 222 33.93 -7.34 10.97
C ARG A 222 34.09 -5.83 11.03
N LEU A 223 33.12 -5.13 11.60
CA LEU A 223 33.12 -3.68 11.68
C LEU A 223 33.87 -3.16 12.91
N ASN A 224 34.36 -4.03 13.79
CA ASN A 224 35.01 -3.61 15.03
C ASN A 224 34.06 -2.82 15.93
N ILE A 225 32.78 -3.13 15.86
CA ILE A 225 31.77 -2.55 16.75
C ILE A 225 31.63 -3.46 17.97
N ARG A 226 31.97 -2.93 19.14
CA ARG A 226 31.94 -3.66 20.39
C ARG A 226 30.55 -3.64 21.00
N LEU A 227 30.14 -4.78 21.56
CA LEU A 227 28.88 -4.84 22.28
C LEU A 227 29.04 -4.21 23.66
N GLU A 228 28.03 -3.49 24.13
CA GLU A 228 28.06 -2.97 25.49
C GLU A 228 26.74 -3.19 26.20
N GLU A 229 26.80 -3.30 27.52
CA GLU A 229 25.62 -3.38 28.36
C GLU A 229 24.86 -2.07 28.34
N LEU A 230 23.53 -2.15 28.31
CA LEU A 230 22.75 -0.92 28.25
C LEU A 230 22.77 -0.19 29.58
N HIS A 231 22.89 -0.92 30.68
CA HIS A 231 22.71 -0.35 32.00
C HIS A 231 23.51 -1.18 32.99
N SER A 232 23.70 -0.62 34.19
CA SER A 232 24.43 -1.35 35.22
C SER A 232 23.64 -2.54 35.74
N GLN A 233 22.29 -2.50 35.62
CA GLN A 233 21.51 -3.67 35.94
C GLN A 233 21.04 -4.37 34.66
N PRO A 234 20.86 -5.69 34.67
CA PRO A 234 20.34 -6.36 33.48
C PRO A 234 18.97 -5.82 33.12
N THR A 235 18.72 -5.65 31.82
CA THR A 235 17.44 -5.15 31.35
C THR A 235 16.81 -5.96 30.23
N PHE A 236 17.53 -6.90 29.62
CA PHE A 236 17.01 -7.78 28.58
C PHE A 236 16.93 -9.20 29.15
N PHE A 237 15.81 -9.87 28.97
CA PHE A 237 15.59 -11.18 29.61
C PHE A 237 15.07 -12.21 28.61
N PRO A 238 15.97 -12.79 27.81
CA PRO A 238 15.56 -13.88 26.89
C PRO A 238 15.01 -15.09 27.62
N GLY A 239 15.37 -15.31 28.88
CA GLY A 239 14.82 -16.44 29.63
C GLY A 239 13.45 -16.22 30.25
N GLY A 240 12.88 -15.03 30.14
CA GLY A 240 11.59 -14.76 30.75
C GLY A 240 11.72 -14.32 32.20
N LEU A 241 10.59 -13.91 32.76
CA LEU A 241 10.56 -13.36 34.10
C LEU A 241 9.23 -13.66 34.77
N ARG A 242 9.29 -13.82 36.08
CA ARG A 242 8.07 -13.78 36.88
C ARG A 242 7.53 -12.35 36.88
N PHE A 243 6.27 -12.19 36.50
CA PHE A 243 5.72 -10.85 36.31
C PHE A 243 5.43 -10.13 37.62
N SER A 244 5.76 -8.84 37.66
CA SER A 244 5.24 -7.92 38.65
C SER A 244 5.33 -6.53 38.05
N VAL A 245 4.37 -5.70 38.41
CA VAL A 245 4.35 -4.32 37.90
C VAL A 245 5.68 -3.64 38.19
N CYS A 246 6.15 -3.73 39.43
CA CYS A 246 7.36 -3.00 39.79
C CYS A 246 8.58 -3.52 39.04
N LEU A 247 8.70 -4.83 38.84
CA LEU A 247 9.82 -5.33 38.03
C LEU A 247 9.70 -4.85 36.59
N PHE A 248 8.50 -5.01 35.99
CA PHE A 248 8.39 -4.68 34.57
C PHE A 248 8.48 -3.20 34.29
N ARG A 249 8.38 -2.34 35.32
CA ARG A 249 8.66 -0.93 35.09
C ARG A 249 10.15 -0.64 34.92
N ARG A 250 11.03 -1.56 35.31
CA ARG A 250 12.46 -1.29 35.29
C ARG A 250 13.23 -2.35 34.49
N ILE A 251 12.61 -2.85 33.40
CA ILE A 251 13.26 -3.74 32.44
C ILE A 251 12.97 -3.17 31.07
N VAL A 252 13.69 -3.65 30.08
CA VAL A 252 13.48 -3.25 28.68
C VAL A 252 12.71 -4.32 27.90
N ALA A 253 13.09 -5.58 28.05
CA ALA A 253 12.57 -6.63 27.19
C ALA A 253 12.47 -7.93 27.95
N CYS A 254 11.36 -8.63 27.76
CA CYS A 254 11.13 -9.92 28.38
C CYS A 254 10.54 -10.87 27.35
N HIS A 255 11.10 -12.07 27.26
CA HIS A 255 10.73 -13.10 26.29
C HIS A 255 9.68 -14.04 26.88
N PHE A 256 9.17 -14.93 26.03
CA PHE A 256 8.20 -15.97 26.43
C PHE A 256 6.85 -15.37 26.82
N ILE A 257 6.33 -14.45 26.01
CA ILE A 257 5.10 -13.71 26.34
CA ILE A 257 5.10 -13.74 26.36
C ILE A 257 4.14 -13.88 25.18
N LYS A 258 3.09 -14.66 25.36
CA LYS A 258 2.10 -14.85 24.30
C LYS A 258 1.14 -13.67 24.27
N PRO A 259 0.36 -13.54 23.19
CA PRO A 259 -0.49 -12.34 23.02
C PRO A 259 -1.43 -12.03 24.17
N ARG A 260 -2.18 -13.01 24.64
CA ARG A 260 -3.10 -12.77 25.74
C ARG A 260 -2.35 -12.28 26.98
N THR A 261 -1.20 -12.91 27.27
CA THR A 261 -0.36 -12.46 28.37
C THR A 261 0.11 -11.02 28.15
N LEU A 262 0.52 -10.69 26.93
CA LEU A 262 0.99 -9.33 26.67
C LEU A 262 -0.11 -8.32 26.96
N LEU A 263 -1.35 -8.61 26.51
CA LEU A 263 -2.46 -7.70 26.75
C LEU A 263 -2.75 -7.58 28.25
N ASP A 264 -2.73 -8.71 28.97
CA ASP A 264 -2.96 -8.65 30.43
C ASP A 264 -1.90 -7.83 31.14
N TYR A 265 -0.62 -8.00 30.76
CA TYR A 265 0.47 -7.24 31.36
C TYR A 265 0.34 -5.76 31.06
N TRP A 266 0.00 -5.42 29.82
CA TRP A 266 -0.18 -4.02 29.49
C TRP A 266 -1.29 -3.43 30.32
N GLN A 267 -2.40 -4.17 30.47
CA GLN A 267 -3.51 -3.73 31.31
C GLN A 267 -3.03 -3.52 32.75
N ALA A 268 -2.22 -4.43 33.26
CA ALA A 268 -1.71 -4.29 34.63
C ALA A 268 -0.90 -3.01 34.79
N LEU A 269 -0.04 -2.71 33.82
CA LEU A 269 0.75 -1.48 33.89
C LEU A 269 -0.17 -0.25 33.82
N GLU A 270 -1.20 -0.28 32.97
CA GLU A 270 -2.15 0.83 32.96
C GLU A 270 -2.94 0.93 34.26
N ASN A 271 -3.44 -0.19 34.78
CA ASN A 271 -4.24 -0.13 36.00
C ASN A 271 -3.46 0.44 37.16
N SER A 272 -2.14 0.25 37.17
CA SER A 272 -1.32 0.63 38.30
C SER A 272 -0.48 1.86 38.03
N ARG A 273 -0.69 2.53 36.89
CA ARG A 273 0.04 3.77 36.64
C ARG A 273 -0.29 4.77 37.73
N GLY A 274 0.71 5.41 38.29
CA GLY A 274 0.45 6.37 39.34
C GLY A 274 0.65 5.86 40.74
N GLU A 275 0.94 4.58 40.90
CA GLU A 275 1.35 4.05 42.20
C GLU A 275 2.86 4.03 42.24
N ASP A 276 3.41 4.20 43.44
CA ASP A 276 4.85 4.13 43.57
C ASP A 276 5.29 2.71 43.86
N CYS A 277 6.53 2.42 43.50
CA CYS A 277 7.09 1.12 43.69
C CYS A 277 8.26 1.16 44.67
N PRO A 278 8.43 0.12 45.49
CA PRO A 278 9.54 0.07 46.45
C PRO A 278 10.87 0.48 45.82
N ASN B 13 -4.33 -6.46 -32.18
CA ASN B 13 -5.41 -5.56 -31.80
C ASN B 13 -6.23 -6.05 -30.60
N PHE B 14 -7.55 -6.13 -30.78
CA PHE B 14 -8.45 -6.40 -29.67
C PHE B 14 -8.78 -7.89 -29.54
N LEU B 15 -8.85 -8.35 -28.29
CA LEU B 15 -9.17 -9.73 -27.97
C LEU B 15 -10.66 -9.99 -27.84
N LYS B 16 -11.37 -9.05 -27.23
CA LYS B 16 -12.83 -9.12 -27.09
C LYS B 16 -13.37 -7.75 -27.50
N LEU B 17 -14.40 -7.75 -28.34
CA LEU B 17 -14.98 -6.50 -28.82
C LEU B 17 -16.49 -6.54 -28.63
N PRO B 18 -17.08 -5.48 -28.07
CA PRO B 18 -18.54 -5.44 -27.97
C PRO B 18 -19.16 -5.37 -29.35
N ASP B 19 -20.27 -6.09 -29.51
CA ASP B 19 -20.99 -6.17 -30.77
C ASP B 19 -21.85 -4.91 -30.91
N THR B 20 -21.27 -3.87 -31.51
CA THR B 20 -21.94 -2.58 -31.64
C THR B 20 -21.64 -1.97 -32.99
N ASP B 21 -22.57 -1.13 -33.46
CA ASP B 21 -22.43 -0.40 -34.72
C ASP B 21 -22.78 1.04 -34.39
N CYS B 22 -21.77 1.82 -33.99
CA CYS B 22 -21.99 3.23 -33.72
C CYS B 22 -22.28 4.01 -35.00
N ARG B 23 -21.89 3.47 -36.15
CA ARG B 23 -22.16 4.12 -37.43
C ARG B 23 -23.66 4.16 -37.71
N GLN B 24 -24.36 3.06 -37.46
CA GLN B 24 -25.82 3.03 -37.57
C GLN B 24 -26.48 3.86 -36.47
N THR B 25 -26.15 3.59 -35.21
CA THR B 25 -26.76 4.26 -34.07
C THR B 25 -25.66 4.96 -33.28
N PRO B 26 -25.31 6.19 -33.65
CA PRO B 26 -24.30 6.94 -32.89
C PRO B 26 -24.76 7.18 -31.47
N PRO B 27 -24.01 6.69 -30.48
CA PRO B 27 -24.39 6.95 -29.09
C PRO B 27 -24.17 8.41 -28.71
N PHE B 28 -24.99 8.88 -27.76
CA PHE B 28 -24.76 10.21 -27.22
C PHE B 28 -23.69 10.18 -26.15
N LEU B 29 -23.75 9.21 -25.26
CA LEU B 29 -22.76 9.08 -24.20
C LEU B 29 -22.28 7.64 -24.18
N VAL B 30 -20.97 7.45 -24.24
CA VAL B 30 -20.34 6.15 -24.09
C VAL B 30 -19.56 6.17 -22.78
N LEU B 31 -19.81 5.18 -21.92
CA LEU B 31 -19.10 4.99 -20.67
C LEU B 31 -18.08 3.88 -20.83
N LEU B 32 -16.82 4.16 -20.48
CA LEU B 32 -15.75 3.17 -20.46
C LEU B 32 -15.31 3.02 -19.02
N VAL B 33 -15.57 1.85 -18.43
CA VAL B 33 -15.40 1.61 -17.00
C VAL B 33 -14.21 0.69 -16.78
N THR B 34 -13.28 1.10 -15.92
CA THR B 34 -12.14 0.27 -15.59
C THR B 34 -12.46 -0.60 -14.37
N SER B 35 -12.03 -1.86 -14.43
CA SER B 35 -12.17 -2.78 -13.31
C SER B 35 -11.25 -3.96 -13.50
N SER B 36 -10.92 -4.63 -12.38
CA SER B 36 -10.08 -5.81 -12.41
C SER B 36 -10.91 -7.05 -12.70
N HIS B 37 -10.20 -8.15 -12.99
CA HIS B 37 -10.88 -9.40 -13.31
C HIS B 37 -11.72 -9.87 -12.12
N LYS B 38 -11.22 -9.67 -10.90
CA LYS B 38 -11.89 -10.15 -9.70
C LYS B 38 -13.10 -9.31 -9.31
N GLN B 39 -13.26 -8.12 -9.87
CA GLN B 39 -14.30 -7.17 -9.45
C GLN B 39 -15.62 -7.42 -10.18
N LEU B 40 -16.04 -8.68 -10.19
CA LEU B 40 -17.33 -9.05 -10.79
C LEU B 40 -18.49 -8.34 -10.09
N ALA B 41 -18.44 -8.24 -8.76
CA ALA B 41 -19.51 -7.57 -8.03
C ALA B 41 -19.63 -6.11 -8.42
N GLU B 42 -18.50 -5.41 -8.57
CA GLU B 42 -18.53 -4.02 -9.03
C GLU B 42 -19.21 -3.90 -10.39
N ARG B 43 -18.77 -4.72 -11.36
CA ARG B 43 -19.33 -4.62 -12.70
C ARG B 43 -20.81 -4.95 -12.71
N MET B 44 -21.21 -5.96 -11.93
CA MET B 44 -22.63 -6.29 -11.86
C MET B 44 -23.43 -5.14 -11.26
N ALA B 45 -22.89 -4.52 -10.20
CA ALA B 45 -23.57 -3.38 -9.59
C ALA B 45 -23.75 -2.26 -10.60
N ILE B 46 -22.72 -1.99 -11.40
CA ILE B 46 -22.81 -0.94 -12.41
C ILE B 46 -23.84 -1.32 -13.48
N ARG B 47 -23.84 -2.58 -13.90
CA ARG B 47 -24.82 -3.04 -14.89
C ARG B 47 -26.24 -2.91 -14.39
N GLN B 48 -26.45 -3.11 -13.09
CA GLN B 48 -27.78 -3.02 -12.50
C GLN B 48 -28.16 -1.61 -12.09
N THR B 49 -27.24 -0.66 -12.18
CA THR B 49 -27.50 0.72 -11.79
C THR B 49 -27.21 1.69 -12.93
N TRP B 50 -26.18 2.52 -12.80
CA TRP B 50 -25.95 3.59 -13.77
C TRP B 50 -25.37 3.10 -15.09
N GLY B 51 -24.86 1.88 -15.17
CA GLY B 51 -24.37 1.39 -16.44
C GLY B 51 -25.42 0.79 -17.34
N LYS B 52 -26.63 0.60 -16.83
CA LYS B 52 -27.71 0.01 -17.63
C LYS B 52 -27.98 0.87 -18.86
N GLU B 53 -27.85 0.27 -20.05
CA GLU B 53 -28.01 1.02 -21.29
C GLU B 53 -29.46 1.38 -21.52
N ARG B 54 -29.67 2.59 -22.06
CA ARG B 54 -31.00 3.12 -22.24
C ARG B 54 -30.99 4.47 -22.94
N MET B 55 -32.18 4.98 -23.25
CA MET B 55 -32.35 6.33 -23.76
C MET B 55 -32.53 7.31 -22.62
N VAL B 56 -31.78 8.40 -22.68
CA VAL B 56 -31.79 9.47 -21.69
C VAL B 56 -32.13 10.76 -22.43
N LYS B 57 -33.37 11.24 -22.26
CA LYS B 57 -33.83 12.43 -22.96
C LYS B 57 -33.63 12.29 -24.47
N GLY B 58 -33.92 11.10 -24.99
CA GLY B 58 -33.74 10.85 -26.41
C GLY B 58 -32.31 10.67 -26.85
N LYS B 59 -31.37 10.48 -25.93
CA LYS B 59 -29.96 10.29 -26.22
C LYS B 59 -29.55 8.86 -25.85
N GLN B 60 -28.70 8.25 -26.66
CA GLN B 60 -28.30 6.88 -26.42
C GLN B 60 -27.18 6.81 -25.37
N LEU B 61 -27.34 5.92 -24.38
CA LEU B 61 -26.28 5.64 -23.41
C LEU B 61 -25.74 4.24 -23.66
N LYS B 62 -24.42 4.14 -23.80
CA LYS B 62 -23.75 2.86 -23.96
C LYS B 62 -22.73 2.68 -22.86
N THR B 63 -22.52 1.43 -22.44
CA THR B 63 -21.64 1.15 -21.32
C THR B 63 -20.76 -0.06 -21.63
N PHE B 64 -19.45 0.11 -21.52
CA PHE B 64 -18.48 -0.94 -21.78
C PHE B 64 -17.47 -1.00 -20.64
N PHE B 65 -16.96 -2.20 -20.39
CA PHE B 65 -15.97 -2.45 -19.36
C PHE B 65 -14.63 -2.80 -20.00
N LEU B 66 -13.57 -2.10 -19.58
CA LEU B 66 -12.24 -2.30 -20.11
C LEU B 66 -11.48 -3.32 -19.27
N LEU B 67 -10.92 -4.33 -19.92
CA LEU B 67 -10.14 -5.36 -19.24
C LEU B 67 -8.87 -5.66 -20.03
N GLY B 68 -7.82 -5.99 -19.30
CA GLY B 68 -6.60 -6.55 -19.85
C GLY B 68 -6.61 -8.07 -19.78
N THR B 69 -5.42 -8.64 -19.60
CA THR B 69 -5.28 -10.09 -19.45
C THR B 69 -4.74 -10.42 -18.07
N THR B 70 -4.91 -11.67 -17.67
CA THR B 70 -4.46 -12.14 -16.37
C THR B 70 -3.88 -13.55 -16.50
N SER B 71 -3.08 -13.93 -15.50
CA SER B 71 -2.51 -15.27 -15.47
C SER B 71 -3.47 -16.32 -14.91
N SER B 72 -4.42 -15.92 -14.07
CA SER B 72 -5.31 -16.86 -13.41
C SER B 72 -6.22 -17.54 -14.43
N ALA B 73 -6.13 -18.87 -14.51
CA ALA B 73 -7.04 -19.61 -15.37
C ALA B 73 -8.48 -19.37 -14.95
N ALA B 74 -8.74 -19.36 -13.64
CA ALA B 74 -10.09 -19.11 -13.14
C ALA B 74 -10.58 -17.73 -13.57
N GLU B 75 -9.77 -16.69 -13.38
CA GLU B 75 -10.18 -15.34 -13.78
C GLU B 75 -10.36 -15.23 -15.28
N THR B 76 -9.41 -15.77 -16.06
CA THR B 76 -9.54 -15.70 -17.51
C THR B 76 -10.84 -16.37 -17.94
N LYS B 77 -11.15 -17.52 -17.34
CA LYS B 77 -12.40 -18.22 -17.62
C LYS B 77 -13.62 -17.38 -17.24
N GLU B 78 -13.65 -16.89 -16.01
CA GLU B 78 -14.74 -16.06 -15.52
C GLU B 78 -15.02 -14.91 -16.46
N VAL B 79 -13.97 -14.18 -16.86
CA VAL B 79 -14.15 -13.03 -17.73
C VAL B 79 -14.60 -13.46 -19.12
N ASP B 80 -14.08 -14.58 -19.63
CA ASP B 80 -14.55 -15.09 -20.92
C ASP B 80 -16.06 -15.32 -20.89
N GLN B 81 -16.53 -16.00 -19.84
CA GLN B 81 -17.97 -16.28 -19.72
C GLN B 81 -18.76 -14.99 -19.49
N GLU B 82 -18.22 -14.07 -18.68
CA GLU B 82 -18.88 -12.78 -18.48
C GLU B 82 -19.03 -12.06 -19.81
N SER B 83 -17.97 -12.05 -20.62
CA SER B 83 -18.05 -11.45 -21.94
C SER B 83 -19.15 -12.08 -22.77
N GLN B 84 -19.18 -13.42 -22.84
CA GLN B 84 -20.24 -14.07 -23.62
C GLN B 84 -21.62 -13.66 -23.13
N ARG B 85 -21.82 -13.67 -21.81
CA ARG B 85 -23.14 -13.40 -21.26
C ARG B 85 -23.56 -11.96 -21.50
N HIS B 86 -22.61 -11.02 -21.45
CA HIS B 86 -22.94 -9.61 -21.52
C HIS B 86 -22.41 -8.92 -22.77
N GLY B 87 -21.37 -9.45 -23.41
CA GLY B 87 -20.91 -8.86 -24.66
C GLY B 87 -20.53 -7.40 -24.58
N ASP B 88 -20.09 -6.93 -23.41
CA ASP B 88 -19.79 -5.52 -23.19
C ASP B 88 -18.36 -5.28 -22.72
N ILE B 89 -17.44 -6.23 -22.98
CA ILE B 89 -16.05 -6.09 -22.54
C ILE B 89 -15.18 -5.72 -23.73
N ILE B 90 -14.28 -4.76 -23.51
CA ILE B 90 -13.23 -4.39 -24.44
C ILE B 90 -11.92 -4.88 -23.84
N GLN B 91 -11.19 -5.73 -24.58
CA GLN B 91 -10.00 -6.36 -24.05
C GLN B 91 -8.89 -6.36 -25.08
N LYS B 92 -7.66 -6.16 -24.61
CA LYS B 92 -6.45 -6.32 -25.40
C LYS B 92 -5.44 -7.11 -24.57
N ASP B 93 -4.40 -7.60 -25.23
CA ASP B 93 -3.44 -8.49 -24.59
C ASP B 93 -2.36 -7.64 -23.91
N PHE B 94 -2.69 -7.16 -22.71
CA PHE B 94 -1.71 -6.54 -21.83
C PHE B 94 -2.04 -6.94 -20.40
N LEU B 95 -0.99 -7.09 -19.60
CA LEU B 95 -1.14 -7.53 -18.22
C LEU B 95 -1.97 -6.51 -17.44
N ASP B 96 -3.15 -6.92 -16.98
CA ASP B 96 -4.08 -5.99 -16.33
C ASP B 96 -3.66 -5.79 -14.88
N VAL B 97 -2.77 -4.82 -14.68
CA VAL B 97 -2.31 -4.45 -13.34
C VAL B 97 -2.34 -2.94 -13.23
N TYR B 98 -2.31 -2.46 -11.99
CA TYR B 98 -2.48 -1.03 -11.76
C TYR B 98 -1.53 -0.22 -12.63
N TYR B 99 -0.26 -0.63 -12.70
CA TYR B 99 0.74 0.15 -13.41
C TYR B 99 0.70 -0.05 -14.91
N ASN B 100 -0.36 -0.66 -15.43
CA ASN B 100 -0.68 -0.63 -16.85
C ASN B 100 -1.96 0.13 -17.15
N LEU B 101 -2.51 0.85 -16.17
CA LEU B 101 -3.77 1.57 -16.39
C LEU B 101 -3.67 2.52 -17.58
N THR B 102 -2.52 3.16 -17.77
CA THR B 102 -2.35 4.01 -18.94
C THR B 102 -2.66 3.24 -20.20
N LEU B 103 -2.05 2.06 -20.36
CA LEU B 103 -2.39 1.20 -21.48
C LEU B 103 -3.89 0.98 -21.56
N LYS B 104 -4.50 0.60 -20.43
CA LYS B 104 -5.95 0.38 -20.42
C LYS B 104 -6.68 1.62 -20.91
N THR B 105 -6.33 2.79 -20.38
CA THR B 105 -7.03 3.99 -20.84
C THR B 105 -6.84 4.17 -22.34
N MET B 106 -5.61 4.01 -22.83
CA MET B 106 -5.38 4.21 -24.25
C MET B 106 -6.16 3.17 -25.05
N MET B 107 -6.25 1.94 -24.54
CA MET B 107 -7.10 0.96 -25.21
C MET B 107 -8.48 1.53 -25.42
N GLY B 108 -9.13 1.98 -24.32
CA GLY B 108 -10.45 2.55 -24.46
C GLY B 108 -10.49 3.66 -25.48
N ILE B 109 -9.52 4.58 -25.41
CA ILE B 109 -9.52 5.69 -26.35
C ILE B 109 -9.36 5.18 -27.77
N GLU B 110 -8.43 4.24 -27.96
CA GLU B 110 -8.25 3.65 -29.28
C GLU B 110 -9.56 3.08 -29.79
N TRP B 111 -10.33 2.41 -28.92
CA TRP B 111 -11.59 1.84 -29.36
C TRP B 111 -12.51 2.94 -29.88
N VAL B 112 -12.68 4.01 -29.09
CA VAL B 112 -13.53 5.10 -29.54
C VAL B 112 -13.05 5.63 -30.88
N HIS B 113 -11.72 5.67 -31.06
CA HIS B 113 -11.19 6.20 -32.31
C HIS B 113 -11.51 5.27 -33.47
N ARG B 114 -11.44 3.96 -33.25
CA ARG B 114 -11.59 3.04 -34.37
C ARG B 114 -13.03 2.65 -34.64
N PHE B 115 -13.82 2.41 -33.59
CA PHE B 115 -15.12 1.78 -33.76
C PHE B 115 -16.30 2.65 -33.32
N CYS B 116 -16.06 3.85 -32.79
CA CYS B 116 -17.20 4.64 -32.34
C CYS B 116 -16.87 6.14 -32.37
N PRO B 117 -16.27 6.66 -33.44
CA PRO B 117 -16.01 8.10 -33.50
C PRO B 117 -17.27 8.95 -33.61
N GLN B 118 -18.44 8.33 -33.81
CA GLN B 118 -19.69 9.06 -33.86
C GLN B 118 -20.20 9.44 -32.48
N ALA B 119 -19.64 8.86 -31.41
CA ALA B 119 -20.08 9.19 -30.06
C ALA B 119 -19.97 10.69 -29.82
N ALA B 120 -21.05 11.30 -29.35
CA ALA B 120 -20.98 12.73 -29.03
C ALA B 120 -20.07 12.96 -27.83
N PHE B 121 -20.16 12.11 -26.82
CA PHE B 121 -19.35 12.27 -25.63
C PHE B 121 -18.95 10.91 -25.08
N VAL B 122 -17.79 10.88 -24.42
CA VAL B 122 -17.24 9.67 -23.83
C VAL B 122 -16.79 10.01 -22.42
N MET B 123 -17.14 9.15 -21.47
CA MET B 123 -16.69 9.25 -20.09
C MET B 123 -15.85 8.03 -19.75
N LYS B 124 -14.60 8.25 -19.38
CA LYS B 124 -13.76 7.21 -18.77
C LYS B 124 -13.95 7.28 -17.27
N THR B 125 -14.31 6.14 -16.66
CA THR B 125 -14.64 6.13 -15.23
C THR B 125 -14.08 4.88 -14.55
N ASP B 126 -14.00 4.95 -13.23
CA ASP B 126 -13.58 3.84 -12.39
C ASP B 126 -14.81 3.05 -11.93
N SER B 127 -14.57 1.90 -11.30
CA SER B 127 -15.66 1.01 -10.93
C SER B 127 -16.20 1.26 -9.53
N ASP B 128 -15.47 1.97 -8.69
CA ASP B 128 -15.96 2.32 -7.35
C ASP B 128 -16.64 3.69 -7.36
N MET B 129 -17.58 3.86 -8.29
CA MET B 129 -18.13 5.16 -8.62
C MET B 129 -19.65 5.10 -8.66
N PHE B 130 -20.27 6.22 -8.31
CA PHE B 130 -21.65 6.49 -8.68
C PHE B 130 -21.63 7.55 -9.77
N ILE B 131 -22.38 7.30 -10.84
CA ILE B 131 -22.46 8.20 -11.98
C ILE B 131 -23.92 8.54 -12.21
N ASN B 132 -24.24 9.83 -12.22
CA ASN B 132 -25.60 10.30 -12.54
C ASN B 132 -25.63 10.64 -14.02
N VAL B 133 -26.05 9.68 -14.83
CA VAL B 133 -26.04 9.89 -16.28
C VAL B 133 -27.11 10.91 -16.69
N ASP B 134 -28.24 10.95 -15.99
CA ASP B 134 -29.29 11.92 -16.34
C ASP B 134 -28.79 13.35 -16.16
N TYR B 135 -28.20 13.64 -15.00
CA TYR B 135 -27.72 14.99 -14.76
C TYR B 135 -26.53 15.32 -15.67
N LEU B 136 -25.66 14.33 -15.92
CA LEU B 136 -24.54 14.56 -16.82
C LEU B 136 -25.02 14.89 -18.23
N THR B 137 -26.04 14.17 -18.71
CA THR B 137 -26.62 14.46 -20.03
C THR B 137 -27.20 15.86 -20.08
N GLU B 138 -27.96 16.22 -19.04
CA GLU B 138 -28.49 17.58 -18.95
C GLU B 138 -27.37 18.61 -19.03
N LEU B 139 -26.30 18.43 -18.26
CA LEU B 139 -25.21 19.40 -18.24
C LEU B 139 -24.44 19.42 -19.54
N LEU B 140 -24.29 18.28 -20.21
CA LEU B 140 -23.59 18.28 -21.50
C LEU B 140 -24.39 19.04 -22.54
N LEU B 141 -25.72 18.87 -22.53
CA LEU B 141 -26.55 19.66 -23.42
C LEU B 141 -26.51 21.14 -23.06
N LYS B 142 -26.41 21.47 -21.77
CA LYS B 142 -26.34 22.88 -21.38
C LYS B 142 -24.99 23.49 -21.76
N LYS B 143 -23.92 22.71 -21.69
CA LYS B 143 -22.60 23.28 -21.94
C LYS B 143 -22.43 23.55 -23.42
N ASN B 144 -23.05 22.73 -24.26
CA ASN B 144 -23.07 22.97 -25.69
C ASN B 144 -21.66 23.03 -26.28
N ARG B 145 -20.75 22.25 -25.71
CA ARG B 145 -19.41 22.11 -26.26
C ARG B 145 -19.31 20.70 -26.82
N THR B 146 -19.11 20.62 -28.12
CA THR B 146 -19.20 19.36 -28.85
C THR B 146 -17.91 18.96 -29.55
N THR B 147 -16.88 19.80 -29.49
CA THR B 147 -15.59 19.48 -30.09
C THR B 147 -14.49 19.99 -29.17
N ARG B 148 -13.37 19.29 -29.15
CA ARG B 148 -12.21 19.69 -28.36
C ARG B 148 -12.61 20.08 -26.93
N PHE B 149 -13.48 19.27 -26.34
CA PHE B 149 -14.01 19.52 -25.00
C PHE B 149 -13.54 18.41 -24.06
N PHE B 150 -13.07 18.81 -22.88
CA PHE B 150 -12.57 17.87 -21.90
C PHE B 150 -12.86 18.45 -20.52
N THR B 151 -13.53 17.66 -19.66
CA THR B 151 -13.97 18.12 -18.36
C THR B 151 -13.89 16.97 -17.36
N GLY B 152 -14.06 17.34 -16.09
CA GLY B 152 -13.98 16.40 -14.97
C GLY B 152 -13.71 17.18 -13.70
N PHE B 153 -12.99 16.55 -12.78
CA PHE B 153 -12.43 17.26 -11.63
C PHE B 153 -11.05 17.75 -12.05
N LEU B 154 -10.90 19.08 -12.18
CA LEU B 154 -9.67 19.65 -12.70
C LEU B 154 -8.59 19.68 -11.61
N LYS B 155 -7.42 19.15 -11.94
CA LYS B 155 -6.25 19.13 -11.06
C LYS B 155 -5.14 19.92 -11.73
N LEU B 156 -4.91 21.15 -11.27
CA LEU B 156 -4.17 22.13 -12.07
C LEU B 156 -2.74 22.41 -11.63
N ASN B 157 -2.41 22.30 -10.34
CA ASN B 157 -1.02 22.49 -9.96
C ASN B 157 -0.51 21.28 -9.20
N GLU B 158 -0.49 20.12 -9.87
CA GLU B 158 -0.13 18.87 -9.23
C GLU B 158 1.37 18.64 -9.37
N PHE B 159 1.96 18.07 -8.33
CA PHE B 159 3.38 17.73 -8.32
C PHE B 159 3.55 16.22 -8.25
N PRO B 160 4.51 15.65 -8.98
CA PRO B 160 4.72 14.20 -8.91
C PRO B 160 5.06 13.75 -7.48
N ILE B 161 4.53 12.58 -7.11
CA ILE B 161 4.79 12.02 -5.79
C ILE B 161 6.11 11.27 -5.81
N ARG B 162 7.06 11.70 -4.98
CA ARG B 162 8.38 11.11 -4.94
C ARG B 162 8.60 10.17 -3.77
N GLN B 163 7.58 9.96 -2.94
CA GLN B 163 7.66 9.04 -1.81
C GLN B 163 7.56 7.59 -2.28
N PRO B 164 8.63 6.80 -2.18
CA PRO B 164 8.62 5.47 -2.81
C PRO B 164 7.56 4.52 -2.26
N PHE B 165 6.92 4.88 -1.15
CA PHE B 165 5.89 4.01 -0.59
C PHE B 165 4.50 4.34 -1.11
N SER B 166 4.33 5.43 -1.85
CA SER B 166 3.03 5.79 -2.38
C SER B 166 2.64 4.88 -3.54
N LYS B 167 1.34 4.59 -3.65
CA LYS B 167 0.85 3.85 -4.80
C LYS B 167 1.13 4.61 -6.09
N TRP B 168 1.22 5.93 -6.01
CA TRP B 168 1.42 6.80 -7.16
C TRP B 168 2.82 7.37 -7.22
N PHE B 169 3.79 6.70 -6.61
CA PHE B 169 5.18 7.12 -6.71
C PHE B 169 5.65 7.02 -8.15
N VAL B 170 6.36 8.07 -8.62
CA VAL B 170 7.05 8.04 -9.90
C VAL B 170 8.46 8.56 -9.70
N SER B 171 9.45 7.80 -10.18
CA SER B 171 10.84 8.23 -10.07
C SER B 171 11.12 9.40 -11.02
N LYS B 172 12.28 10.03 -10.82
CA LYS B 172 12.68 11.14 -11.68
C LYS B 172 13.01 10.66 -13.08
N SER B 173 13.29 9.38 -13.27
CA SER B 173 13.44 8.87 -14.63
C SER B 173 12.10 8.53 -15.24
N GLU B 174 11.09 8.19 -14.42
CA GLU B 174 9.75 7.93 -14.94
C GLU B 174 9.08 9.21 -15.38
N TYR B 175 9.22 10.28 -14.58
CA TYR B 175 8.74 11.61 -14.92
C TYR B 175 9.71 12.64 -14.34
N PRO B 176 10.53 13.28 -15.17
CA PRO B 176 11.69 14.04 -14.66
C PRO B 176 11.46 15.51 -14.37
N TRP B 177 10.24 16.05 -14.48
CA TRP B 177 10.01 17.47 -14.27
C TRP B 177 9.31 17.73 -12.94
N ASP B 178 9.33 19.00 -12.53
CA ASP B 178 8.89 19.39 -11.20
C ASP B 178 7.38 19.38 -11.08
N ARG B 179 6.66 19.58 -12.18
CA ARG B 179 5.23 19.80 -12.14
C ARG B 179 4.53 18.90 -13.16
N TYR B 180 3.32 18.46 -12.80
CA TYR B 180 2.47 17.77 -13.75
C TYR B 180 1.75 18.79 -14.64
N PRO B 181 1.38 18.40 -15.86
CA PRO B 181 0.51 19.25 -16.65
C PRO B 181 -0.83 19.38 -15.96
N PRO B 182 -1.71 20.27 -16.43
CA PRO B 182 -3.10 20.23 -15.99
C PRO B 182 -3.73 18.90 -16.41
N PHE B 183 -4.57 18.33 -15.54
CA PHE B 183 -5.28 17.11 -15.92
C PHE B 183 -6.48 16.94 -15.02
N CYS B 184 -7.32 15.96 -15.35
CA CYS B 184 -8.53 15.66 -14.59
C CYS B 184 -8.40 14.34 -13.87
N SER B 185 -9.00 14.27 -12.69
CA SER B 185 -8.98 13.03 -11.91
C SER B 185 -9.43 11.87 -12.76
N GLY B 186 -8.66 10.79 -12.72
CA GLY B 186 -8.99 9.56 -13.41
C GLY B 186 -10.20 8.83 -12.84
N THR B 187 -10.72 9.27 -11.70
CA THR B 187 -11.93 8.63 -11.17
C THR B 187 -13.08 8.73 -12.16
N GLY B 188 -13.10 9.79 -12.97
CA GLY B 188 -14.10 9.94 -14.01
C GLY B 188 -13.96 11.25 -14.77
N TYR B 189 -13.70 11.19 -16.06
CA TYR B 189 -13.64 12.40 -16.85
C TYR B 189 -14.40 12.21 -18.16
N VAL B 190 -14.75 13.33 -18.79
CA VAL B 190 -15.66 13.33 -19.94
C VAL B 190 -15.09 14.21 -21.05
N PHE B 191 -15.22 13.75 -22.29
CA PHE B 191 -14.70 14.53 -23.41
C PHE B 191 -15.57 14.30 -24.63
N SER B 192 -15.60 15.28 -25.52
CA SER B 192 -16.29 15.10 -26.79
C SER B 192 -15.56 14.04 -27.60
N GLY B 193 -16.30 13.37 -28.48
CA GLY B 193 -15.77 12.20 -29.15
C GLY B 193 -14.53 12.49 -29.98
N ASP B 194 -14.49 13.65 -30.65
CA ASP B 194 -13.33 14.01 -31.48
C ASP B 194 -12.02 13.92 -30.69
N VAL B 195 -12.06 14.28 -29.41
CA VAL B 195 -10.87 14.24 -28.57
C VAL B 195 -10.26 12.85 -28.59
N ALA B 196 -11.09 11.81 -28.64
CA ALA B 196 -10.56 10.45 -28.68
C ALA B 196 -9.56 10.28 -29.82
N SER B 197 -9.99 10.63 -31.03
CA SER B 197 -9.10 10.49 -32.19
C SER B 197 -7.87 11.38 -32.05
N GLN B 198 -8.04 12.63 -31.60
CA GLN B 198 -6.88 13.51 -31.45
C GLN B 198 -5.86 12.94 -30.46
N VAL B 199 -6.33 12.51 -29.28
CA VAL B 199 -5.43 11.97 -28.27
C VAL B 199 -4.74 10.72 -28.77
N TYR B 200 -5.50 9.81 -29.39
CA TYR B 200 -4.87 8.61 -29.93
C TYR B 200 -3.79 8.98 -30.93
N ASN B 201 -4.10 9.92 -31.84
CA ASN B 201 -3.15 10.34 -32.85
C ASN B 201 -1.85 10.83 -32.22
N VAL B 202 -1.96 11.60 -31.14
CA VAL B 202 -0.76 12.22 -30.57
C VAL B 202 -0.05 11.35 -29.54
N SER B 203 -0.69 10.27 -29.07
CA SER B 203 -0.21 9.57 -27.88
C SER B 203 1.22 9.06 -28.04
N LYS B 204 1.56 8.47 -29.19
CA LYS B 204 2.88 7.86 -29.31
C LYS B 204 4.02 8.88 -29.36
N SER B 205 3.72 10.17 -29.49
CA SER B 205 4.77 11.19 -29.50
C SER B 205 4.87 11.94 -28.17
N VAL B 206 4.04 11.60 -27.20
CA VAL B 206 4.00 12.26 -25.89
C VAL B 206 4.76 11.40 -24.89
N PRO B 207 5.55 12.00 -23.99
CA PRO B 207 6.27 11.19 -23.00
C PRO B 207 5.32 10.31 -22.20
N TYR B 208 5.63 9.03 -22.13
CA TYR B 208 4.80 8.07 -21.42
C TYR B 208 4.89 8.29 -19.90
N ILE B 209 3.79 8.03 -19.21
CA ILE B 209 3.77 7.93 -17.76
C ILE B 209 2.72 6.91 -17.36
N LYS B 210 3.00 6.16 -16.29
CA LYS B 210 2.15 5.04 -15.89
C LYS B 210 0.89 5.49 -15.16
N LEU B 211 0.73 6.78 -14.87
CA LEU B 211 -0.51 7.31 -14.32
C LEU B 211 -1.37 7.80 -15.48
N GLU B 212 -2.53 7.18 -15.68
CA GLU B 212 -3.25 7.36 -16.95
C GLU B 212 -3.81 8.77 -17.07
N ASP B 213 -4.34 9.33 -15.97
CA ASP B 213 -4.92 10.67 -16.06
C ASP B 213 -3.87 11.73 -16.36
N VAL B 214 -2.69 11.62 -15.74
CA VAL B 214 -1.59 12.53 -16.07
C VAL B 214 -1.21 12.39 -17.53
N PHE B 215 -1.12 11.16 -18.03
CA PHE B 215 -0.73 10.98 -19.42
C PHE B 215 -1.74 11.63 -20.36
N VAL B 216 -3.03 11.45 -20.09
CA VAL B 216 -4.03 12.10 -20.91
C VAL B 216 -3.89 13.61 -20.82
N GLY B 217 -3.59 14.13 -19.63
CA GLY B 217 -3.30 15.55 -19.51
C GLY B 217 -2.15 16.00 -20.40
N LEU B 218 -1.08 15.21 -20.46
CA LEU B 218 0.04 15.54 -21.34
C LEU B 218 -0.41 15.58 -22.80
N CYS B 219 -1.24 14.62 -23.20
CA CYS B 219 -1.73 14.60 -24.58
C CYS B 219 -2.57 15.84 -24.87
N LEU B 220 -3.49 16.18 -23.96
CA LEU B 220 -4.33 17.36 -24.14
C LEU B 220 -3.49 18.62 -24.22
N GLU B 221 -2.47 18.72 -23.38
CA GLU B 221 -1.55 19.85 -23.42
C GLU B 221 -0.85 19.95 -24.78
N ARG B 222 -0.37 18.83 -25.31
CA ARG B 222 0.24 18.85 -26.63
C ARG B 222 -0.73 19.36 -27.68
N LEU B 223 -2.02 19.07 -27.53
CA LEU B 223 -3.04 19.43 -28.52
C LEU B 223 -3.60 20.83 -28.32
N ASN B 224 -3.17 21.55 -27.29
CA ASN B 224 -3.69 22.88 -26.97
C ASN B 224 -5.18 22.82 -26.64
N ILE B 225 -5.63 21.67 -26.13
CA ILE B 225 -7.00 21.52 -25.64
C ILE B 225 -7.00 21.89 -24.17
N ARG B 226 -7.66 22.97 -23.82
CA ARG B 226 -7.69 23.43 -22.44
C ARG B 226 -8.84 22.76 -21.69
N LEU B 227 -8.60 22.45 -20.42
CA LEU B 227 -9.65 21.85 -19.58
C LEU B 227 -10.70 22.89 -19.22
N GLU B 228 -11.96 22.46 -19.15
CA GLU B 228 -13.05 23.34 -18.74
C GLU B 228 -13.93 22.68 -17.68
N GLU B 229 -14.46 23.50 -16.78
CA GLU B 229 -15.45 23.02 -15.83
C GLU B 229 -16.76 22.71 -16.55
N LEU B 230 -17.42 21.64 -16.14
CA LEU B 230 -18.68 21.26 -16.78
C LEU B 230 -19.81 22.21 -16.41
N HIS B 231 -19.77 22.79 -15.22
CA HIS B 231 -20.91 23.50 -14.68
C HIS B 231 -20.41 24.56 -13.71
N SER B 232 -21.32 25.47 -13.33
CA SER B 232 -20.95 26.54 -12.41
C SER B 232 -20.71 26.02 -11.00
N GLN B 233 -21.32 24.89 -10.65
CA GLN B 233 -21.07 24.24 -9.37
C GLN B 233 -20.25 22.97 -9.58
N PRO B 234 -19.48 22.56 -8.59
CA PRO B 234 -18.73 21.29 -8.73
C PRO B 234 -19.69 20.13 -8.91
N THR B 235 -19.33 19.21 -9.81
CA THR B 235 -20.14 18.02 -10.06
C THR B 235 -19.35 16.72 -10.01
N PHE B 236 -18.02 16.75 -10.01
CA PHE B 236 -17.19 15.56 -9.90
C PHE B 236 -16.54 15.58 -8.52
N PHE B 237 -16.59 14.45 -7.80
CA PHE B 237 -16.10 14.38 -6.42
C PHE B 237 -15.20 13.17 -6.20
N PRO B 238 -13.93 13.26 -6.60
CA PRO B 238 -12.99 12.16 -6.32
C PRO B 238 -12.82 11.87 -4.85
N GLY B 239 -13.10 12.84 -3.98
CA GLY B 239 -12.97 12.67 -2.56
C GLY B 239 -14.14 12.01 -1.87
N GLY B 240 -15.21 11.69 -2.61
CA GLY B 240 -16.39 11.09 -2.03
C GLY B 240 -17.34 12.14 -1.48
N LEU B 241 -18.53 11.67 -1.07
CA LEU B 241 -19.57 12.57 -0.60
C LEU B 241 -20.42 11.88 0.44
N ARG B 242 -20.95 12.68 1.37
CA ARG B 242 -22.03 12.24 2.25
C ARG B 242 -23.32 12.10 1.44
N PHE B 243 -23.94 10.93 1.49
CA PHE B 243 -25.06 10.66 0.59
C PHE B 243 -26.34 11.36 1.02
N SER B 244 -27.03 11.93 0.04
CA SER B 244 -28.43 12.30 0.19
C SER B 244 -29.05 12.29 -1.18
N VAL B 245 -30.35 11.95 -1.24
CA VAL B 245 -31.04 11.92 -2.52
C VAL B 245 -30.90 13.25 -3.24
N CYS B 246 -31.16 14.35 -2.51
CA CYS B 246 -31.17 15.67 -3.14
C CYS B 246 -29.79 16.04 -3.65
N LEU B 247 -28.73 15.70 -2.92
CA LEU B 247 -27.39 15.98 -3.39
C LEU B 247 -27.06 15.15 -4.63
N PHE B 248 -27.29 13.84 -4.56
CA PHE B 248 -26.91 12.97 -5.66
C PHE B 248 -27.77 13.17 -6.90
N ARG B 249 -28.89 13.88 -6.77
CA ARG B 249 -29.62 14.26 -7.97
C ARG B 249 -28.94 15.37 -8.75
N ARG B 250 -28.01 16.10 -8.12
CA ARG B 250 -27.38 17.27 -8.71
C ARG B 250 -25.86 17.13 -8.72
N ILE B 251 -25.35 15.90 -8.90
CA ILE B 251 -23.93 15.65 -9.11
C ILE B 251 -23.80 14.76 -10.34
N VAL B 252 -22.57 14.65 -10.85
CA VAL B 252 -22.27 13.77 -11.98
C VAL B 252 -21.55 12.50 -11.53
N ALA B 253 -20.54 12.63 -10.67
CA ALA B 253 -19.71 11.48 -10.34
C ALA B 253 -19.24 11.57 -8.90
N CYS B 254 -19.30 10.44 -8.20
CA CYS B 254 -18.84 10.38 -6.81
C CYS B 254 -18.02 9.11 -6.60
N HIS B 255 -16.85 9.25 -6.00
CA HIS B 255 -15.87 8.19 -5.80
C HIS B 255 -16.07 7.52 -4.44
N PHE B 256 -15.40 6.39 -4.23
CA PHE B 256 -15.41 5.68 -2.95
C PHE B 256 -16.76 5.04 -2.64
N ILE B 257 -17.29 4.28 -3.61
CA ILE B 257 -18.59 3.62 -3.43
C ILE B 257 -18.42 2.14 -3.74
N LYS B 258 -18.69 1.30 -2.73
CA LYS B 258 -18.63 -0.14 -2.93
C LYS B 258 -19.91 -0.65 -3.58
N PRO B 259 -19.89 -1.85 -4.15
CA PRO B 259 -21.08 -2.33 -4.88
C PRO B 259 -22.36 -2.28 -4.06
N ARG B 260 -22.33 -2.77 -2.82
CA ARG B 260 -23.52 -2.75 -1.99
C ARG B 260 -24.01 -1.32 -1.76
N THR B 261 -23.08 -0.40 -1.49
CA THR B 261 -23.45 1.00 -1.34
C THR B 261 -24.07 1.53 -2.62
N LEU B 262 -23.49 1.18 -3.77
CA LEU B 262 -24.03 1.66 -5.02
C LEU B 262 -25.46 1.19 -5.21
N LEU B 263 -25.73 -0.09 -4.92
CA LEU B 263 -27.08 -0.61 -5.07
C LEU B 263 -28.03 0.10 -4.12
N ASP B 264 -27.60 0.36 -2.88
CA ASP B 264 -28.45 1.09 -1.94
C ASP B 264 -28.74 2.51 -2.41
N TYR B 265 -27.73 3.20 -2.95
CA TYR B 265 -27.96 4.56 -3.45
C TYR B 265 -28.92 4.53 -4.63
N TRP B 266 -28.73 3.60 -5.56
CA TRP B 266 -29.64 3.51 -6.70
C TRP B 266 -31.07 3.23 -6.23
N GLN B 267 -31.22 2.29 -5.29
CA GLN B 267 -32.54 2.00 -4.74
C GLN B 267 -33.15 3.23 -4.08
N ALA B 268 -32.36 3.99 -3.32
CA ALA B 268 -32.87 5.20 -2.69
C ALA B 268 -33.37 6.20 -3.72
N LEU B 269 -32.60 6.39 -4.80
CA LEU B 269 -33.00 7.30 -5.87
C LEU B 269 -34.29 6.83 -6.53
N GLU B 270 -34.44 5.52 -6.72
CA GLU B 270 -35.69 5.02 -7.27
C GLU B 270 -36.85 5.23 -6.30
N ASN B 271 -36.64 4.90 -5.03
CA ASN B 271 -37.69 5.04 -4.01
C ASN B 271 -38.15 6.48 -3.89
N SER B 272 -37.28 7.44 -4.18
CA SER B 272 -37.62 8.84 -3.94
C SER B 272 -37.92 9.61 -5.22
N ARG B 273 -37.97 8.96 -6.38
CA ARG B 273 -38.44 9.66 -7.58
C ARG B 273 -39.88 10.06 -7.34
N GLY B 274 -40.18 11.32 -7.62
CA GLY B 274 -41.47 11.89 -7.32
C GLY B 274 -41.49 12.77 -6.09
N GLU B 275 -40.39 12.83 -5.35
CA GLU B 275 -40.23 13.77 -4.26
C GLU B 275 -39.49 15.00 -4.77
N ASP B 276 -39.84 16.15 -4.22
CA ASP B 276 -39.22 17.41 -4.63
C ASP B 276 -38.06 17.76 -3.71
N CYS B 277 -37.07 18.44 -4.27
CA CYS B 277 -35.90 18.88 -3.53
C CYS B 277 -35.80 20.39 -3.63
N PRO B 278 -35.34 21.09 -2.58
CA PRO B 278 -35.25 22.55 -2.63
C PRO B 278 -34.63 23.07 -3.93
C2 BGC C . 14.85 -29.05 23.92
C3 BGC C . 15.91 -28.10 24.48
C4 BGC C . 15.46 -26.65 24.30
C5 BGC C . 14.08 -26.45 24.90
C6 BGC C . 13.56 -25.05 24.70
C1 BGC C . 13.45 -28.72 24.47
O1 BGC C . 12.51 -29.51 23.80
O2 BGC C . 15.18 -30.39 24.25
O3 BGC C . 17.15 -28.33 23.82
O4 BGC C . 16.34 -25.69 24.86
O5 BGC C . 13.15 -27.34 24.27
O6 BGC C . 13.08 -24.89 23.37
C1 GAL C . 17.65 -25.95 25.42
C2 GAL C . 18.69 -25.59 24.44
C3 GAL C . 20.10 -25.48 25.07
C4 GAL C . 19.99 -24.40 26.17
C5 GAL C . 18.98 -24.90 27.20
C6 GAL C . 18.66 -23.92 28.36
O2 GAL C . 18.81 -26.56 23.37
O3 GAL C . 21.07 -25.10 24.14
O4 GAL C . 19.52 -23.20 25.56
O5 GAL C . 17.69 -25.15 26.58
O6 GAL C . 17.68 -22.98 27.97
H1 GAL C . 17.84 -27.02 25.63
H2 GAL C . 18.41 -24.60 24.06
H3 GAL C . 20.42 -26.44 25.51
H4 GAL C . 20.94 -24.24 26.67
H5 GAL C . 19.40 -25.81 27.64
H61 GAL C . 19.54 -23.36 28.66
H62 GAL C . 18.27 -24.46 29.23
HO2 GAL C . 19.18 -26.10 22.61
HO3 GAL C . 20.60 -24.75 23.37
HO6 GAL C . 17.30 -22.67 28.81
C1 GLA C . 20.30 -22.05 25.94
C2 GLA C . 19.75 -20.88 25.13
C3 GLA C . 20.24 -20.89 23.70
C4 GLA C . 21.75 -20.91 23.63
C5 GLA C . 22.22 -22.18 24.35
C6 GLA C . 23.72 -22.29 24.36
O2 GLA C . 18.31 -20.95 25.11
O3 GLA C . 19.70 -19.71 23.08
O4 GLA C . 22.30 -19.76 24.19
O5 GLA C . 21.77 -22.23 25.75
O6 GLA C . 24.08 -23.08 25.48
H1 GLA C . 20.17 -21.88 26.89
H2 GLA C . 20.03 -20.07 25.55
H3 GLA C . 19.93 -21.68 23.23
H4 GLA C . 22.04 -20.91 22.71
H5 GLA C . 21.87 -22.93 23.84
H61 GLA C . 24.11 -21.39 24.44
H62 GLA C . 24.04 -22.70 23.54
HO2 GLA C . 18.06 -21.55 24.55
HO4 GLA C . 23.03 -19.59 23.79
HO6 GLA C . 23.40 -23.21 25.96
C1 NGA C . 19.57 -19.83 21.65
C2 NGA C . 18.63 -18.70 21.27
C3 NGA C . 18.55 -18.49 19.76
C4 NGA C . 19.95 -18.50 19.17
C5 NGA C . 20.74 -19.74 19.61
C6 NGA C . 22.12 -19.81 18.96
C7 NGA C . 16.64 -18.23 22.66
C8 NGA C . 15.14 -18.38 22.68
N2 NGA C . 17.27 -18.96 21.72
O3 NGA C . 17.92 -17.22 19.60
O4 NGA C . 20.59 -17.36 19.66
O5 NGA C . 20.82 -19.71 21.02
O6 NGA C . 22.78 -21.02 19.31
O7 NGA C . 17.21 -17.46 23.45
H1 NGA C . 19.16 -20.78 21.32
H2 NGA C . 18.98 -17.79 21.76
H3 NGA C . 17.96 -19.29 19.30
H4 NGA C . 19.88 -18.47 18.08
H5 NGA C . 20.17 -20.62 19.29
H61 NGA C . 22.72 -18.96 19.29
H62 NGA C . 22.02 -19.75 17.87
H81 NGA C . 14.69 -17.40 22.52
H82 NGA C . 14.82 -18.79 23.63
H83 NGA C . 14.83 -19.02 21.86
HN2 NGA C . 16.78 -19.72 21.30
HO4 NGA C . 21.08 -16.91 18.93
HO6 NGA C . 22.24 -21.50 19.97
C1 GAL C . 17.06 -17.14 18.45
C2 GAL C . 16.35 -15.77 18.54
C3 GAL C . 15.59 -15.43 17.25
C4 GAL C . 16.56 -15.52 16.07
C5 GAL C . 17.12 -16.94 16.01
C6 GAL C . 18.12 -17.20 14.83
O2 GAL C . 15.38 -15.68 19.61
O3 GAL C . 15.07 -14.11 17.34
O4 GAL C . 17.66 -14.62 16.26
O5 GAL C . 17.80 -17.29 17.23
O6 GAL C . 17.54 -16.91 13.58
H1 GAL C . 16.29 -17.93 18.44
H2 GAL C . 17.16 -15.06 18.68
H3 GAL C . 14.77 -16.14 17.06
H4 GAL C . 16.01 -15.28 15.15
H5 GAL C . 16.28 -17.64 15.87
H61 GAL C . 18.42 -18.25 14.82
H62 GAL C . 19.01 -16.57 14.95
HO2 GAL C . 14.69 -16.34 19.40
HO3 GAL C . 15.84 -13.51 17.18
HO4 GAL C . 18.33 -15.12 16.72
HO6 GAL C . 16.62 -17.17 13.62
C2 BGC D . -4.71 7.72 2.30
C3 BGC D . -3.67 6.97 1.50
C4 BGC D . -3.78 7.14 -0.03
C5 BGC D . -5.14 7.63 -0.58
C6 BGC D . -5.96 6.54 -1.24
C1 BGC D . -6.06 7.61 1.63
O1 BGC D . -6.39 6.26 1.48
O2 BGC D . -4.36 9.09 2.43
O3 BGC D . -3.70 5.58 1.82
O4 BGC D . -2.69 7.89 -0.56
O5 BGC D . -5.98 8.26 0.40
O6 BGC D . -7.02 7.08 -2.02
C1 GAL D . -2.56 9.27 -0.14
C2 GAL D . -1.54 9.92 -1.15
C3 GAL D . -1.38 11.42 -0.89
C4 GAL D . -2.75 12.08 -1.01
C5 GAL D . -3.67 11.45 0.05
C6 GAL D . -5.15 11.94 0.03
O2 GAL D . -0.24 9.32 -1.11
O3 GAL D . -0.52 12.02 -1.85
O4 GAL D . -3.30 11.86 -2.29
O5 GAL D . -3.77 10.00 -0.10
O6 GAL D . -5.91 11.26 -0.93
H1 GAL D . -2.17 9.30 0.89
H2 GAL D . -1.98 9.80 -2.15
H3 GAL D . -0.97 11.57 0.12
H4 GAL D . -2.65 13.16 -0.81
H5 GAL D . -3.25 11.69 1.05
H61 GAL D . -5.20 13.01 -0.20
H62 GAL D . -5.63 11.78 1.00
HO2 GAL D . 0.41 10.02 -1.25
HO3 GAL D . -0.61 11.50 -2.67
HO6 GAL D . -5.29 10.86 -1.55
C1 GLA D . -3.87 13.09 -2.80
C2 GLA D . -4.64 12.73 -4.07
C3 GLA D . -3.73 12.47 -5.22
C4 GLA D . -2.77 13.61 -5.45
C5 GLA D . -1.94 13.86 -4.19
C6 GLA D . -0.99 14.99 -4.42
O2 GLA D . -5.44 11.55 -3.83
O3 GLA D . -4.51 12.26 -6.42
O4 GLA D . -3.52 14.77 -5.81
O5 GLA D . -2.82 14.15 -3.04
O6 GLA D . -1.65 16.22 -4.24
H1 GLA D . -4.49 13.46 -2.16
H2 GLA D . -5.24 13.46 -4.29
H3 GLA D . -3.21 11.66 -5.02
H4 GLA D . -2.17 13.43 -6.20
H5 GLA D . -1.40 13.08 -3.98
H61 GLA D . -0.65 14.94 -5.33
H62 GLA D . -0.25 14.93 -3.79
HO2 GLA D . -5.28 10.97 -4.45
HO4 GLA D . -4.19 14.54 -6.29
HO6 GLA D . -2.47 16.07 -4.05
C1 NGA D . -3.88 11.20 -7.14
C2 NGA D . -4.91 10.65 -8.12
C3 NGA D . -4.31 9.55 -9.00
C4 NGA D . -2.97 9.98 -9.61
C5 NGA D . -2.08 10.59 -8.54
C6 NGA D . -0.81 11.18 -9.14
C7 NGA D . -7.25 10.97 -7.52
C8 NGA D . -7.70 11.54 -6.21
N2 NGA D . -6.12 10.24 -7.43
O3 NGA D . -5.29 9.24 -9.94
O4 NGA D . -3.15 10.88 -10.69
O5 NGA D . -2.74 11.64 -7.86
O6 NGA D . 0.01 11.72 -8.13
O7 NGA D . -7.87 11.19 -8.56
H1 NGA D . -3.56 10.41 -6.46
H2 NGA D . -5.17 11.45 -8.83
H3 NGA D . -4.06 8.68 -8.38
H4 NGA D . -2.49 9.09 -10.00
H5 NGA D . -1.79 9.79 -7.85
H61 NGA D . -1.07 11.96 -9.86
H62 NGA D . -0.27 10.41 -9.69
H81 NGA D . -8.77 11.69 -6.24
H82 NGA D . -7.20 12.50 -6.07
H83 NGA D . -7.39 10.87 -5.41
HN2 NGA D . -6.11 9.39 -6.89
HO4 NGA D . -4.07 10.81 -11.03
HO6 NGA D . -0.53 11.92 -7.34
C1 GAL D . -5.42 7.82 -10.23
C2 GAL D . -6.83 7.71 -10.83
C3 GAL D . -7.06 6.37 -11.52
C4 GAL D . -5.94 6.21 -12.54
C5 GAL D . -4.60 6.21 -11.79
C6 GAL D . -3.37 6.06 -12.70
O2 GAL D . -7.87 7.84 -9.83
O3 GAL D . -8.29 6.34 -12.22
O4 GAL D . -5.98 7.30 -13.43
O5 GAL D . -4.41 7.45 -11.10
O6 GAL D . -3.49 4.93 -13.51
H1 GAL D . -5.37 7.15 -9.36
H2 GAL D . -6.90 8.50 -11.59
H3 GAL D . -7.06 5.54 -10.78
H4 GAL D . -6.02 5.25 -13.06
H5 GAL D . -4.59 5.38 -11.06
H61 GAL D . -2.45 5.95 -12.12
H62 GAL D . -3.26 6.93 -13.35
HO2 GAL D . -7.55 8.44 -9.16
HO3 GAL D . -8.16 6.84 -13.03
HO4 GAL D . -5.29 7.91 -13.13
HO6 GAL D . -2.71 4.95 -14.10
C1 NAG E . 14.53 -18.52 1.77
C2 NAG E . 14.36 -20.02 1.51
C3 NAG E . 14.81 -20.37 0.09
C4 NAG E . 14.15 -19.46 -0.94
C5 NAG E . 14.35 -18.00 -0.55
C6 NAG E . 13.61 -17.06 -1.47
C7 NAG E . 14.61 -21.81 3.18
C8 NAG E . 15.54 -22.49 4.13
N2 NAG E . 15.12 -20.80 2.47
O3 NAG E . 14.47 -21.72 -0.17
O4 NAG E . 14.71 -19.70 -2.22
O5 NAG E . 13.83 -17.78 0.77
O6 NAG E . 12.21 -17.31 -1.42
O7 NAG E . 13.44 -22.16 3.05
H1 NAG E . 15.47 -18.30 1.76
H2 NAG E . 13.42 -20.25 1.59
H3 NAG E . 15.78 -20.25 0.03
H4 NAG E . 13.19 -19.66 -0.97
H5 NAG E . 15.30 -17.80 -0.56
H61 NAG E . 13.94 -17.16 -2.37
H62 NAG E . 13.78 -16.14 -1.17
H81 NAG E . 16.43 -22.55 3.74
H82 NAG E . 15.21 -23.40 4.34
H83 NAG E . 15.58 -21.98 4.97
HN2 NAG E . 16.00 -20.59 2.61
HO3 NAG E . 13.59 -21.79 -0.26
HO6 NAG E . 11.80 -16.69 -1.89
C1 NAG E . 13.68 -20.03 -3.18
C2 NAG E . 14.30 -20.08 -4.57
C3 NAG E . 13.29 -20.57 -5.60
C4 NAG E . 12.60 -21.85 -5.16
C5 NAG E . 12.05 -21.70 -3.75
C6 NAG E . 11.50 -23.00 -3.19
C7 NAG E . 15.97 -18.27 -4.52
C8 NAG E . 16.32 -16.89 -5.00
N2 NAG E . 14.80 -18.76 -4.95
O3 NAG E . 13.95 -20.78 -6.84
O4 NAG E . 11.55 -22.17 -6.05
O5 NAG E . 13.10 -21.29 -2.87
O6 NAG E . 11.30 -22.92 -1.78
O7 NAG E . 16.72 -18.91 -3.80
H1 NAG E . 12.98 -19.36 -3.18
H2 NAG E . 15.05 -20.71 -4.56
H3 NAG E . 12.60 -19.88 -5.70
H4 NAG E . 13.26 -22.57 -5.16
H5 NAG E . 11.34 -21.04 -3.74
H61 NAG E . 12.13 -23.72 -3.38
H62 NAG E . 10.65 -23.20 -3.62
H81 NAG E . 17.16 -16.60 -4.59
H82 NAG E . 15.60 -16.28 -4.75
H83 NAG E . 16.42 -16.90 -5.98
HN2 NAG E . 14.29 -18.24 -5.50
HO3 NAG E . 14.37 -21.56 -6.83
HO4 NAG E . 10.79 -22.25 -5.59
HO6 NAG E . 11.97 -22.47 -1.41
C1 NAG F . 25.92 11.57 30.10
C2 NAG F . 26.49 10.79 31.30
C3 NAG F . 25.86 11.26 32.57
C4 NAG F . 25.78 12.78 32.66
C5 NAG F . 25.34 13.42 31.35
C6 NAG F . 25.52 14.92 31.30
C7 NAG F . 27.17 8.48 30.75
C8 NAG F . 26.68 7.10 30.46
N2 NAG F . 26.24 9.37 31.08
O3 NAG F . 26.63 10.76 33.66
O4 NAG F . 24.85 13.03 33.71
O5 NAG F . 26.14 12.90 30.27
O6 NAG F . 26.85 15.33 31.58
O7 NAG F . 28.37 8.77 30.72
H1 NAG F . 24.96 11.42 30.04
H2 NAG F . 27.46 10.95 31.37
H3 NAG F . 24.94 10.92 32.61
H4 NAG F . 26.66 13.19 32.83
H5 NAG F . 24.41 13.21 31.20
H61 NAG F . 24.92 15.33 31.97
H62 NAG F . 25.26 15.24 30.42
H81 NAG F . 27.42 6.56 30.12
H82 NAG F . 25.96 7.14 29.80
H83 NAG F . 26.34 6.70 31.29
HN2 NAG F . 25.38 9.08 31.18
HO3 NAG F . 26.70 11.41 34.26
C1 NAG F . 25.38 14.16 34.48
C2 NAG F . 24.11 15.04 34.88
C3 NAG F . 23.69 14.71 36.29
C4 NAG F . 24.78 15.00 37.31
C5 NAG F . 26.14 14.98 36.62
C6 NAG F . 27.27 14.75 37.59
C7 NAG F . 24.22 17.15 33.64
C8 NAG F . 24.79 18.53 33.61
N2 NAG F . 24.44 16.45 34.76
O3 NAG F . 23.43 13.30 36.34
O4 NAG F . 24.48 16.24 37.93
O5 NAG F . 26.16 13.87 35.69
O6 NAG F . 27.61 13.37 37.64
O7 NAG F . 23.51 16.74 32.74
H1 NAG F . 26.00 14.63 33.90
H2 NAG F . 23.36 14.83 34.29
H3 NAG F . 22.90 15.24 36.50
H4 NAG F . 24.82 14.34 38.01
H5 NAG F . 26.29 15.81 36.14
H61 NAG F . 28.04 15.26 37.31
H62 NAG F . 26.98 15.05 38.48
H81 NAG F . 24.07 19.18 33.68
H82 NAG F . 25.27 18.67 32.78
H83 NAG F . 25.40 18.64 34.37
HN2 NAG F . 24.82 16.86 35.47
HO3 NAG F . 24.22 12.85 36.35
HO4 NAG F . 25.01 16.89 37.62
HO6 NAG F . 26.99 12.93 37.18
C1 FUC F . 27.35 16.33 30.66
C2 FUC F . 28.71 16.70 31.20
C3 FUC F . 29.58 15.44 31.23
C4 FUC F . 29.67 14.80 29.81
C5 FUC F . 28.27 14.65 29.18
C6 FUC F . 28.32 14.33 27.68
O2 FUC F . 28.62 17.31 32.48
O3 FUC F . 30.89 15.76 31.67
O4 FUC F . 30.51 15.56 28.96
O5 FUC F . 27.46 15.84 29.34
C1 NAG G . 1.89 -4.31 -18.93
C2 NAG G . 2.99 -4.85 -18.00
C3 NAG G . 4.17 -5.36 -18.82
C4 NAG G . 3.70 -6.35 -19.88
C5 NAG G . 2.57 -5.74 -20.71
C6 NAG G . 1.98 -6.69 -21.71
C7 NAG G . 3.43 -4.02 -15.73
C8 NAG G . 3.91 -2.87 -14.90
N2 NAG G . 3.42 -3.84 -17.05
O3 NAG G . 5.12 -5.97 -17.95
O4 NAG G . 4.74 -6.67 -20.80
O5 NAG G . 1.50 -5.32 -19.85
O6 NAG G . 1.37 -7.81 -21.07
O7 NAG G . 3.06 -5.08 -15.21
H1 NAG G . 2.23 -3.54 -19.43
H2 NAG G . 2.61 -5.60 -17.51
H3 NAG G . 4.60 -4.60 -19.27
H4 NAG G . 3.41 -7.15 -19.41
H5 NAG G . 2.92 -4.96 -21.18
H61 NAG G . 2.69 -7.01 -22.30
H62 NAG G . 1.30 -6.22 -22.24
H81 NAG G . 4.82 -2.62 -15.18
H82 NAG G . 3.92 -3.12 -13.96
H83 NAG G . 3.31 -2.11 -15.03
HN2 NAG G . 3.71 -3.04 -17.38
HO3 NAG G . 4.71 -6.59 -17.46
HO6 NAG G . 1.24 -8.46 -21.66
C1 NAG G . 5.73 -7.63 -20.39
C2 NAG G . 5.27 -9.07 -20.30
C3 NAG G . 5.46 -9.78 -21.64
C4 NAG G . 5.27 -8.78 -22.76
C5 NAG G . 6.45 -7.82 -22.73
C6 NAG G . 6.16 -6.51 -23.44
C7 NAG G . 5.66 -9.72 -17.96
C8 NAG G . 6.52 -10.51 -17.02
N2 NAG G . 5.99 -9.77 -19.26
O3 NAG G . 4.51 -10.84 -21.75
O4 NAG G . 5.23 -9.45 -24.02
O5 NAG G . 6.81 -7.50 -21.38
O6 NAG G . 6.92 -5.44 -22.87
O7 NAG G . 4.70 -9.07 -17.56
H1 NAG G . 5.98 -7.46 -19.46
H2 NAG G . 4.31 -9.07 -20.10
H3 NAG G . 6.35 -10.16 -21.70
H4 NAG G . 4.43 -8.30 -22.67
H5 NAG G . 7.22 -8.25 -23.15
H61 NAG G . 5.21 -6.31 -23.34
H62 NAG G . 6.38 -6.60 -24.38
H81 NAG G . 7.45 -10.20 -17.10
H82 NAG G . 6.48 -11.46 -17.27
H83 NAG G . 6.21 -10.39 -16.12
HN2 NAG G . 6.71 -10.28 -19.50
HO3 NAG G . 4.93 -11.58 -21.98
HO4 NAG G . 4.72 -9.00 -24.58
HO6 NAG G . 6.59 -4.67 -23.16
C1 NAG H . -24.48 25.94 -29.26
C2 NAG H . -25.82 26.67 -29.12
C3 NAG H . -26.15 27.42 -30.41
C4 NAG H . -25.02 28.36 -30.79
C5 NAG H . -23.75 27.54 -30.94
C6 NAG H . -22.53 28.39 -31.21
C7 NAG H . -27.48 25.61 -27.62
C8 NAG H . -26.99 26.55 -26.55
N2 NAG H . -26.88 25.72 -28.81
O3 NAG H . -27.37 28.15 -30.24
O4 NAG H . -25.37 29.01 -32.00
O5 NAG H . -23.49 26.85 -29.71
O6 NAG H . -22.20 29.13 -30.04
O7 NAG H . -28.38 24.80 -27.42
H1 NAG H . -24.58 25.22 -29.92
H2 NAG H . -25.75 27.32 -28.40
H3 NAG H . -26.28 26.78 -31.13
H4 NAG H . -24.86 29.03 -30.10
H5 NAG H . -23.85 26.90 -31.67
H61 NAG H . -22.71 29.00 -31.95
H62 NAG H . -21.78 27.82 -31.46
H81 NAG H . -27.42 27.41 -26.65
H82 NAG H . -26.03 26.65 -26.63
H83 NAG H . -27.21 26.17 -25.67
HN2 NAG H . -27.16 25.16 -29.48
HO3 NAG H . -27.28 28.94 -30.64
C1 NAG H . -24.97 30.39 -31.95
C2 NAG H . -25.44 30.99 -33.28
C3 NAG H . -25.04 32.46 -33.38
C4 NAG H . -25.44 33.21 -32.11
C5 NAG H . -25.03 32.46 -30.85
C6 NAG H . -25.56 33.08 -29.57
C7 NAG H . -25.49 29.15 -34.92
C8 NAG H . -24.77 28.51 -36.08
N2 NAG H . -24.90 30.23 -34.41
O3 NAG H . -25.70 33.03 -34.50
O4 NAG H . -24.78 34.48 -32.08
O5 NAG H . -25.54 31.11 -30.89
O6 NAG H . -26.97 33.26 -29.61
O7 NAG H . -26.53 28.71 -34.49
H1 NAG H . -24.00 30.47 -31.84
H2 NAG H . -26.41 30.94 -33.33
H3 NAG H . -24.07 32.52 -33.48
H4 NAG H . -26.41 33.33 -32.12
H5 NAG H . -24.05 32.42 -30.81
H61 NAG H . -25.13 33.95 -29.45
H62 NAG H . -25.33 32.51 -28.82
H81 NAG H . -25.24 27.68 -36.33
H82 NAG H . -23.86 28.29 -35.81
H83 NAG H . -24.76 29.12 -36.83
HN2 NAG H . -24.11 30.53 -34.79
HO3 NAG H . -25.09 33.31 -35.09
HO6 NAG H . -27.37 32.47 -29.72
C1 BMA H . -25.65 35.61 -32.17
C2 BMA H . -25.00 36.73 -31.35
C3 BMA H . -25.78 38.03 -31.55
C4 BMA H . -26.02 38.31 -33.04
C5 BMA H . -26.66 37.11 -33.73
C6 BMA H . -26.75 37.34 -35.24
O2 BMA H . -23.65 36.96 -31.80
O3 BMA H . -25.07 39.15 -31.03
O4 BMA H . -26.85 39.44 -33.20
O5 BMA H . -25.82 35.98 -33.53
O6 BMA H . -25.47 37.81 -35.64
H1 BMA H . -26.64 35.37 -31.75
H2 BMA H . -25.00 36.45 -30.29
H3 BMA H . -26.73 37.94 -31.01
H4 BMA H . -25.04 38.45 -33.51
H5 BMA H . -27.66 36.91 -33.32
H61 BMA H . -27.53 38.08 -35.44
H62 BMA H . -27.01 36.40 -35.73
HO2 BMA H . -23.10 36.29 -31.35
HO4 BMA H . -27.19 39.61 -32.30
C1 MAN H . -25.57 39.61 -29.77
C2 MAN H . -25.03 41.05 -29.51
C3 MAN H . -23.50 40.93 -29.45
C4 MAN H . -23.07 39.87 -28.41
C5 MAN H . -23.76 38.54 -28.64
C6 MAN H . -23.52 37.57 -27.49
O2 MAN H . -25.49 41.58 -28.28
O3 MAN H . -22.85 42.16 -29.16
O4 MAN H . -21.66 39.68 -28.49
O5 MAN H . -25.18 38.74 -28.72
O6 MAN H . -24.08 36.30 -27.83
H1 MAN H . -26.68 39.60 -29.79
H2 MAN H . -25.34 41.75 -30.30
H3 MAN H . -23.16 40.62 -30.44
H4 MAN H . -23.40 40.24 -27.42
H5 MAN H . -23.40 38.10 -29.58
H61 MAN H . -23.98 37.97 -26.58
H62 MAN H . -22.43 37.49 -27.33
HO2 MAN H . -26.29 42.10 -28.45
HO3 MAN H . -22.16 42.26 -29.84
HO4 MAN H . -21.55 38.76 -28.78
HO6 MAN H . -24.02 35.73 -27.06
C1 MAN H . -25.44 37.97 -37.08
C2 MAN H . -23.98 38.29 -37.51
C3 MAN H . -23.58 39.64 -36.91
C4 MAN H . -24.61 40.72 -37.29
C5 MAN H . -26.02 40.27 -36.86
C6 MAN H . -27.10 41.23 -37.34
O2 MAN H . -23.89 38.43 -38.96
O3 MAN H . -22.28 40.05 -37.33
O4 MAN H . -24.29 41.93 -36.64
O5 MAN H . -26.33 39.00 -37.45
O6 MAN H . -27.19 41.09 -38.76
H1 MAN H . -25.78 37.06 -37.58
H2 MAN H . -23.31 37.51 -37.16
H3 MAN H . -23.51 39.56 -35.83
H4 MAN H . -24.61 40.81 -38.38
H5 MAN H . -26.05 40.18 -35.77
H61 MAN H . -26.82 42.25 -37.05
H62 MAN H . -28.05 40.98 -36.85
HO2 MAN H . -24.00 37.56 -39.36
HO3 MAN H . -21.66 39.46 -36.85
HO4 MAN H . -23.65 41.69 -35.94
HO6 MAN H . -26.64 40.34 -39.02
C1 FUC H . -21.38 30.30 -30.30
C2 FUC H . -21.41 31.13 -29.01
C3 FUC H . -20.72 30.38 -27.86
C4 FUC H . -19.32 29.98 -28.30
C5 FUC H . -19.40 29.15 -29.59
C6 FUC H . -18.05 28.75 -30.13
O2 FUC H . -22.74 31.50 -28.64
O3 FUC H . -20.61 31.22 -26.72
O4 FUC H . -18.56 31.17 -28.55
O5 FUC H . -20.09 29.89 -30.63
H1 FUC H . -21.72 30.88 -31.17
H2 FUC H . -20.86 32.06 -29.21
H3 FUC H . -21.31 29.49 -27.60
H4 FUC H . -18.84 29.36 -27.52
H5 FUC H . -19.98 28.23 -29.37
H61 FUC H . -18.13 27.81 -30.68
H62 FUC H . -17.34 28.62 -29.31
H63 FUC H . -17.68 29.52 -30.81
HO2 FUC H . -23.32 30.89 -29.13
HO3 FUC H . -21.23 31.95 -26.85
HO4 FUC H . -17.64 30.93 -28.32
MN MN I . 10.98 -16.66 20.86
N1 UDP J . 9.36 -15.93 12.94
C2 UDP J . 9.12 -15.36 11.69
N3 UDP J . 8.92 -16.26 10.68
C4 UDP J . 8.94 -17.63 10.78
C5 UDP J . 9.21 -18.15 12.09
C6 UDP J . 9.41 -17.29 13.11
O2 UDP J . 9.07 -14.15 11.50
O4 UDP J . 8.76 -18.33 9.77
C1' UDP J . 9.58 -15.02 14.07
C2' UDP J . 8.75 -15.36 15.30
O2' UDP J . 7.45 -14.78 15.23
C3' UDP J . 9.59 -14.71 16.39
C4' UDP J . 11.02 -14.97 15.91
O4' UDP J . 10.93 -15.14 14.48
O3' UDP J . 9.24 -13.34 16.49
C5' UDP J . 11.65 -16.20 16.53
O5' UDP J . 10.65 -17.24 16.62
PA UDP J . 10.59 -18.22 17.86
O1A UDP J . 9.87 -19.43 17.43
O2A UDP J . 10.07 -17.50 19.10
O3A UDP J . 12.12 -18.57 18.14
PB UDP J . 12.79 -18.98 19.52
O1B UDP J . 14.21 -19.37 19.09
O2B UDP J . 12.89 -17.62 20.30
O3B UDP J . 12.04 -20.10 20.20
HN3 UDP J . 8.75 -15.93 9.90
H5 UDP J . 9.24 -19.06 12.23
H6 UDP J . 9.59 -17.64 13.96
H1' UDP J . 9.41 -14.10 13.80
H2' UDP J . 8.68 -16.32 15.41
HO2' UDP J . 7.52 -13.94 15.36
H3' UDP J . 9.51 -15.15 17.26
H4' UDP J . 11.56 -14.18 16.08
HO3' UDP J . 9.76 -12.89 16.00
H5'1 UDP J . 12.38 -16.50 15.96
H5'2 UDP J . 11.98 -15.99 17.41
C1 B3P K . 37.34 -18.23 12.89
C2 B3P K . 36.21 -17.98 13.89
C3 B3P K . 37.12 -17.51 11.55
N1 B3P K . 37.20 -16.07 11.73
C4 B3P K . 36.97 -15.26 10.53
C5 B3P K . 38.08 -15.53 9.51
C6 B3P K . 36.91 -13.78 10.90
C7 B3P K . 35.65 -15.56 9.81
N2 B3P K . 36.37 -16.68 14.50
C8 B3P K . 35.24 -16.22 15.32
C9 B3P K . 35.74 -14.97 16.07
C10 B3P K . 34.81 -17.28 16.30
C11 B3P K . 34.00 -15.85 14.48
O1 B3P K . 34.78 -14.54 17.00
O2 B3P K . 35.88 -17.82 17.06
O3 B3P K . 34.38 -14.92 13.46
O4 B3P K . 39.35 -15.33 10.08
O5 B3P K . 36.82 -12.98 9.76
O6 B3P K . 34.58 -15.50 10.73
H11 B3P K . 37.44 -19.18 12.74
H12 B3P K . 38.18 -17.92 13.28
H21 B3P K . 36.20 -18.67 14.57
H22 B3P K . 35.35 -18.04 13.44
H31 B3P K . 36.27 -17.77 11.19
H32 B3P K . 37.79 -17.80 10.92
HN1 B3P K . 36.60 -15.82 12.36
H51 B3P K . 37.93 -14.95 8.76
H52 B3P K . 37.97 -16.44 9.19
H61 B3P K . 37.70 -13.55 11.41
H62 B3P K . 36.15 -13.63 11.48
H71 B3P K . 35.70 -16.43 9.39
H72 B3P K . 35.53 -14.93 9.09
HN2 B3P K . 37.10 -16.67 14.99
H91 B3P K . 35.93 -14.29 15.40
H92 B3P K . 36.58 -15.19 16.50
H101 B3P K . 34.35 -17.98 15.80
H102 B3P K . 34.13 -16.89 16.87
H111 B3P K . 33.32 -15.47 15.07
H112 B3P K . 33.61 -16.66 14.11
HO1 B3P K . 34.25 -14.01 16.60
HO2 B3P K . 36.20 -17.18 17.50
HO3 B3P K . 34.69 -15.36 12.80
HO4 B3P K . 39.57 -16.06 10.46
HO5 B3P K . 37.22 -12.25 9.91
HO6 B3P K . 34.35 -14.68 10.80
MN MN L . -10.93 4.34 -6.97
N1 UDP M . -7.90 -1.18 -11.98
C2 UDP M . -7.66 -2.01 -13.06
N3 UDP M . -6.58 -2.86 -12.91
C4 UDP M . -5.74 -2.93 -11.81
C5 UDP M . -6.06 -2.03 -10.74
C6 UDP M . -7.11 -1.19 -10.86
O2 UDP M . -8.35 -2.02 -14.08
O4 UDP M . -4.80 -3.74 -11.81
C1' UDP M . -9.05 -0.25 -12.08
C2' UDP M . -9.99 -0.33 -10.89
O2' UDP M . -11.00 -1.33 -11.08
C3' UDP M . -10.59 1.07 -10.88
C4' UDP M . -9.40 1.94 -11.32
O4' UDP M . -8.55 1.07 -12.11
O3' UDP M . -11.67 1.18 -11.79
C5' UDP M . -8.59 2.51 -10.18
O5' UDP M . -8.45 1.49 -9.17
PA UDP M . -8.52 1.83 -7.63
O1A UDP M . -8.07 0.62 -6.89
O2A UDP M . -9.88 2.41 -7.26
O3A UDP M . -7.46 3.01 -7.44
PB UDP M . -7.74 4.40 -6.73
O1B UDP M . -8.14 4.00 -5.32
O2B UDP M . -6.35 5.04 -6.71
O3B UDP M . -8.77 5.22 -7.45
HN3 UDP M . -6.40 -3.39 -13.56
H5 UDP M . -5.54 -2.02 -9.97
H6 UDP M . -7.30 -0.61 -10.16
H1' UDP M . -9.53 -0.43 -12.90
H2' UDP M . -9.49 -0.51 -10.08
HO2' UDP M . -11.22 -1.66 -10.33
H3' UDP M . -10.86 1.33 -9.99
H4' UDP M . -9.72 2.65 -11.89
HO3' UDP M . -11.95 0.40 -12.00
H5'1 UDP M . -7.71 2.78 -10.50
H5'2 UDP M . -9.04 3.27 -9.80
C1 B3P N . 8.52 20.42 -19.21
C2 B3P N . 7.27 20.22 -18.35
C3 B3P N . 8.50 19.56 -20.48
N1 B3P N . 7.47 20.03 -21.39
C4 B3P N . 7.29 19.28 -22.62
C5 B3P N . 8.59 19.34 -23.44
C6 B3P N . 6.12 19.88 -23.43
C7 B3P N . 6.98 17.79 -22.36
N2 B3P N . 6.14 20.97 -18.81
C8 B3P N . 4.88 20.64 -18.18
C9 B3P N . 3.84 21.70 -18.57
C10 B3P N . 4.99 20.56 -16.66
C11 B3P N . 4.35 19.26 -18.62
O1 B3P N . 2.64 21.55 -17.84
O2 B3P N . 5.58 21.70 -16.11
O3 B3P N . 4.33 19.18 -20.03
O4 B3P N . 9.02 20.67 -23.65
O5 B3P N . 5.95 19.34 -24.71
O6 B3P N . 5.94 17.64 -21.42
H11 B3P N . 9.31 20.20 -18.69
H12 B3P N . 8.59 21.35 -19.46
H21 B3P N . 7.48 20.46 -17.43
H22 B3P N . 7.05 19.27 -18.32
H31 B3P N . 8.35 18.63 -20.25
H32 B3P N . 9.37 19.59 -20.91
HN1 B3P N . 6.70 20.05 -20.96
H51 B3P N . 8.44 18.88 -24.27
H52 B3P N . 9.26 18.83 -22.96
H61 B3P N . 6.25 20.84 -23.48
H62 B3P N . 5.31 19.76 -22.91
H71 B3P N . 7.80 17.36 -22.04
H72 B3P N . 6.76 17.36 -23.20
HN2 B3P N . 6.30 21.84 -18.72
H91 B3P N . 3.68 21.62 -19.53
H92 B3P N . 4.24 22.57 -18.43
H101 B3P N . 5.48 19.75 -16.44
H102 B3P N . 4.09 20.41 -16.31
H111 B3P N . 3.46 19.13 -18.25
H112 B3P N . 4.91 18.57 -18.23
HO1 B3P N . 2.29 20.81 -18.08
HO2 B3P N . 4.97 22.30 -16.09
HO3 B3P N . 3.90 18.49 -20.25
HO4 B3P N . 9.01 20.81 -24.49
HO5 B3P N . 6.49 18.70 -24.79
HO6 B3P N . 5.36 17.10 -21.75
C1 NAG O . -2.60 11.20 -37.35
C2 NAG O . -2.16 12.58 -37.83
C3 NAG O . -1.81 12.52 -39.31
C4 NAG O . -0.76 11.44 -39.56
C5 NAG O . -1.14 10.10 -38.93
C6 NAG O . 0.00 9.11 -38.93
C7 NAG O . -2.82 14.87 -37.27
C8 NAG O . -3.96 15.82 -37.06
N2 NAG O . -3.15 13.61 -37.58
O3 NAG O . -1.31 13.78 -39.75
O4 NAG O . -0.62 11.23 -40.96
O5 NAG O . -1.53 10.26 -37.55
O6 NAG O . -0.28 7.96 -39.73
O7 NAG O . -1.65 15.22 -37.14
H1 NAG O . -3.37 10.91 -37.87
H2 NAG O . -1.36 12.82 -37.32
H3 NAG O . -2.62 12.30 -39.81
H4 NAG O . 0.08 11.73 -39.16
H5 NAG O . -1.91 9.73 -39.42
H61 NAG O . 0.17 8.82 -38.01
H62 NAG O . 0.80 9.55 -39.28
H81 NAG O . -4.47 15.54 -36.27
H82 NAG O . -4.54 15.80 -37.84
H83 NAG O . -3.61 16.72 -36.92
HN2 NAG O . -4.03 13.39 -37.64
HO3 NAG O . -0.67 14.05 -39.19
HO4 NAG O . -1.34 10.79 -41.28
HO6 NAG O . -0.68 8.23 -40.48
#